data_8X7J
#
_entry.id   8X7J
#
_cell.length_a   1.00
_cell.length_b   1.00
_cell.length_c   1.00
_cell.angle_alpha   90.00
_cell.angle_beta   90.00
_cell.angle_gamma   90.00
#
_symmetry.space_group_name_H-M   'P 1'
#
loop_
_entity.id
_entity.type
_entity.pdbx_description
1 polymer 'Histone H3.2'
2 polymer 'Histone H4'
3 polymer 'Histone H2A type 1-B/E'
4 polymer 'Histone H2B type 1-K'
5 polymer 'Histone H2A type 1-B/E'
6 polymer 'DNA (144-MER)'
7 polymer 'DNA (144-MER)'
8 polymer 'Ubiquitin-conjugating enzyme E2 D3'
9 polymer 'E3 ubiquitin-protein ligase RNF168'
10 polymer Ubiquitin
11 non-polymer 'ZINC ION'
#
loop_
_entity_poly.entity_id
_entity_poly.type
_entity_poly.pdbx_seq_one_letter_code
_entity_poly.pdbx_strand_id
1 'polypeptide(L)'
;PHRYRPGTVALREIRRYQKSTELLIRKLPFQRLVREIAQDFKTDLRFQSSAVMALQEASEAYLVGLFEDTNLSAIHAKRV
TIMPKDIQLARRIRGER
;
A,E
2 'polypeptide(L)'
;KVLRDNIQGITKPAIRRLARRGGVKRISGLIYEETRGVLKVFLENVIRDAVTYTEHAKRKTVTAMDVVYALKRQGRTLYG
FG
;
B,F
3 'polypeptide(L)'
;RAKACTRSSRAGLQFPVGRVHRLLRKGNYSERVGAGAPVYLAAVLEYLTAEILELAGNAARDNKKTRIIPRHLQLAIRND
EELNKLLGRVTIAQGGVLPNIQAVLLPK
;
C
4 'polypeptide(L)'
;RSRKESYSVYVYKVLKQVHPDTGISSKAMGIMNSFVNDIFERIAGEASRLAHYNKRSTITSREIQTAVRLLLPGELAKHA
VSEGTKAVTKYTSA
;
D,H
5 'polypeptide(L)'
;ARAKAKTRSSRAGLQFPVGRVHRLLRKGNYSERVGAGAPVYLAAVLEYLTAEILELAGNAARDNKKTRIIPRHLQLAIRN
DEELNKLLGRVTIAQGGVLPNIQAVLLP
;
G
6 'polydeoxyribonucleotide'
;(DC)(DA)(DG)(DG)(DA)(DT)(DG)(DT)(DA)(DT)(DA)(DT)(DA)(DT)(DC)(DT)(DG)(DA)(DC)(DA)
(DC)(DG)(DT)(DG)(DC)(DC)(DT)(DG)(DG)(DA)(DG)(DA)(DC)(DT)(DA)(DG)(DG)(DG)(DA)(DG)
(DT)(DA)(DA)(DT)(DC)(DC)(DC)(DC)(DT)(DT)(DG)(DG)(DC)(DG)(DG)(DT)(DT)(DA)(DA)(DA)
(DA)(DC)(DG)(DC)(DG)(DG)(DG)(DG)(DG)(DA)(DC)(DA)(DG)(DC)(DG)(DC)(DG)(DT)(DA)(DC)
(DG)(DT)(DG)(DC)(DG)(DT)(DT)(DT)(DA)(DA)(DG)(DC)(DG)(DG)(DT)(DG)(DC)(DT)(DA)(DG)
(DA)(DG)(DC)(DT)(DG)(DT)(DC)(DT)(DA)(DC)(DG)(DA)(DC)(DC)(DA)(DA)(DT)(DT)(DG)(DA)
(DG)(DC)(DG)(DG)(DC)(DC)(DT)(DC)(DG)(DG)(DC)(DA)(DC)(DC)(DG)(DG)(DG)(DA)(DT)(DT)
(DC)(DT)(DC)(DC)
;
I
7 'polydeoxyribonucleotide'
;(DG)(DG)(DA)(DG)(DA)(DA)(DT)(DC)(DC)(DC)(DG)(DG)(DT)(DG)(DC)(DC)(DG)(DA)(DG)(DG)
(DC)(DC)(DG)(DC)(DT)(DC)(DA)(DA)(DT)(DT)(DG)(DG)(DT)(DC)(DG)(DT)(DA)(DG)(DA)(DC)
(DA)(DG)(DC)(DT)(DC)(DT)(DA)(DG)(DC)(DA)(DC)(DC)(DG)(DC)(DT)(DT)(DA)(DA)(DA)(DC)
(DG)(DC)(DA)(DC)(DG)(DT)(DA)(DC)(DG)(DC)(DG)(DC)(DT)(DG)(DT)(DC)(DC)(DC)(DC)(DC)
(DG)(DC)(DG)(DT)(DT)(DT)(DT)(DA)(DA)(DC)(DC)(DG)(DC)(DC)(DA)(DA)(DG)(DG)(DG)(DG)
(DA)(DT)(DT)(DA)(DC)(DT)(DC)(DC)(DC)(DT)(DA)(DG)(DT)(DC)(DT)(DC)(DC)(DA)(DG)(DG)
(DC)(DA)(DC)(DG)(DT)(DG)(DT)(DC)(DA)(DG)(DA)(DT)(DA)(DT)(DA)(DT)(DA)(DC)(DA)(DT)
(DC)(DC)(DT)(DG)
;
J
8 'polypeptide(L)'
;MALKRINKELSDLARDPPAQSSAGPVGDDMFHWQATIMGPNDSPYQGGVFFLTIHFPTDYPFKPPKVAFTTRIYHPNINS
NGSICLDILRSQWSPALTISKVLLSISSLLSDPNPDDPLVPEIARIYKTDRDKYNRISREWTQKYAM
;
K
9 'polypeptide(L)'
;MALPKDAIPSLSECQCGICMEILVEPVTLPCNHTLCKPCFQSTVEKASLCCPFCRRRVSSWTRYHTRRNSLVNVELWTII
QKHYPRECKLRASGQESEEVADDYQPVRLLSKP
;
L
10 'polypeptide(L)' MQIFVKTLTGKTITLEVEPSDTIENVKAKIQDKEGIPPDQQRLIFAGKQLEDGRTLSDYNIQKESTLHLVLRLRGC M
#
loop_
_chem_comp.id
_chem_comp.type
_chem_comp.name
_chem_comp.formula
DA DNA linking 2'-DEOXYADENOSINE-5'-MONOPHOSPHATE 'C10 H14 N5 O6 P'
DC DNA linking 2'-DEOXYCYTIDINE-5'-MONOPHOSPHATE 'C9 H14 N3 O7 P'
DG DNA linking 2'-DEOXYGUANOSINE-5'-MONOPHOSPHATE 'C10 H14 N5 O7 P'
DT DNA linking THYMIDINE-5'-MONOPHOSPHATE 'C10 H15 N2 O8 P'
ZN non-polymer 'ZINC ION' 'Zn 2'
#
# COMPACT_ATOMS: atom_id res chain seq x y z
N HIS A 2 54.92 19.23 -21.73
CA HIS A 2 54.21 18.09 -22.31
C HIS A 2 52.83 17.91 -21.69
N ARG A 3 51.80 17.84 -22.53
CA ARG A 3 50.44 17.67 -22.07
C ARG A 3 49.65 16.75 -22.99
N TYR A 4 48.77 15.92 -22.42
CA TYR A 4 47.87 15.13 -23.22
C TYR A 4 46.74 15.99 -23.77
N ARG A 5 46.25 15.62 -24.95
CA ARG A 5 45.07 16.28 -25.48
C ARG A 5 43.87 15.96 -24.60
N PRO A 6 42.96 16.92 -24.42
CA PRO A 6 41.83 16.70 -23.50
C PRO A 6 40.98 15.51 -23.93
N GLY A 7 40.56 14.72 -22.94
CA GLY A 7 39.72 13.57 -23.16
C GLY A 7 40.45 12.24 -23.09
N THR A 8 41.74 12.22 -23.42
CA THR A 8 42.49 10.97 -23.38
C THR A 8 42.64 10.45 -21.95
N VAL A 9 42.97 11.32 -21.01
CA VAL A 9 43.05 10.90 -19.62
C VAL A 9 41.66 10.55 -19.09
N ALA A 10 40.61 11.21 -19.60
CA ALA A 10 39.26 10.83 -19.23
C ALA A 10 38.96 9.40 -19.68
N LEU A 11 39.34 9.05 -20.91
CA LEU A 11 39.14 7.69 -21.38
C LEU A 11 39.95 6.69 -20.56
N ARG A 12 41.20 7.04 -20.24
CA ARG A 12 42.03 6.11 -19.49
C ARG A 12 41.49 5.91 -18.07
N GLU A 13 40.94 6.96 -17.46
CA GLU A 13 40.36 6.80 -16.13
C GLU A 13 39.02 6.08 -16.18
N ILE A 14 38.27 6.22 -17.29
CA ILE A 14 37.09 5.40 -17.49
C ILE A 14 37.47 3.93 -17.52
N ARG A 15 38.53 3.60 -18.27
CA ARG A 15 39.02 2.23 -18.30
C ARG A 15 39.47 1.77 -16.93
N ARG A 16 40.17 2.64 -16.18
CA ARG A 16 40.64 2.28 -14.85
C ARG A 16 39.49 1.99 -13.90
N TYR A 17 38.44 2.81 -13.94
CA TYR A 17 37.36 2.69 -12.97
C TYR A 17 36.33 1.62 -13.34
N GLN A 18 36.11 1.38 -14.63
CA GLN A 18 35.17 0.35 -15.03
C GLN A 18 35.70 -1.07 -14.81
N LYS A 19 37.00 -1.22 -14.53
CA LYS A 19 37.59 -2.52 -14.23
C LYS A 19 37.69 -2.80 -12.74
N SER A 20 37.89 -1.77 -11.92
CA SER A 20 38.02 -1.94 -10.48
C SER A 20 36.64 -1.88 -9.82
N THR A 21 36.52 -2.57 -8.69
CA THR A 21 35.28 -2.62 -7.92
C THR A 21 35.36 -1.84 -6.62
N GLU A 22 36.35 -0.95 -6.47
CA GLU A 22 36.49 -0.17 -5.27
C GLU A 22 35.33 0.82 -5.12
N LEU A 23 35.13 1.28 -3.89
CA LEU A 23 34.11 2.28 -3.61
C LEU A 23 34.65 3.67 -3.92
N LEU A 24 33.83 4.49 -4.58
CA LEU A 24 34.30 5.77 -5.09
C LEU A 24 33.94 6.95 -4.20
N ILE A 25 33.30 6.71 -3.06
CA ILE A 25 32.94 7.78 -2.14
C ILE A 25 33.66 7.57 -0.82
N ARG A 26 34.03 8.68 -0.18
CA ARG A 26 34.79 8.59 1.07
C ARG A 26 33.88 8.19 2.22
N LYS A 27 34.31 7.16 2.97
CA LYS A 27 33.45 6.52 3.94
C LYS A 27 33.05 7.47 5.07
N LEU A 28 34.00 8.25 5.58
CA LEU A 28 33.69 9.14 6.70
C LEU A 28 32.66 10.21 6.34
N PRO A 29 32.82 11.01 5.28
CA PRO A 29 31.76 11.96 4.92
C PRO A 29 30.46 11.29 4.50
N PHE A 30 30.53 10.12 3.84
CA PHE A 30 29.29 9.43 3.51
C PHE A 30 28.52 9.03 4.77
N GLN A 31 29.23 8.52 5.78
CA GLN A 31 28.57 8.13 7.02
C GLN A 31 28.03 9.35 7.75
N ARG A 32 28.79 10.46 7.73
CA ARG A 32 28.28 11.70 8.33
C ARG A 32 26.99 12.15 7.65
N LEU A 33 26.94 12.09 6.31
CA LEU A 33 25.73 12.45 5.60
C LEU A 33 24.59 11.52 5.94
N VAL A 34 24.86 10.21 6.03
CA VAL A 34 23.80 9.26 6.34
C VAL A 34 23.22 9.53 7.73
N ARG A 35 24.08 9.78 8.71
CA ARG A 35 23.61 10.09 10.05
C ARG A 35 22.83 11.40 10.08
N GLU A 36 23.31 12.40 9.35
CA GLU A 36 22.61 13.68 9.30
C GLU A 36 21.20 13.51 8.72
N ILE A 37 21.08 12.71 7.65
CA ILE A 37 19.77 12.44 7.08
C ILE A 37 18.89 11.69 8.07
N ALA A 38 19.45 10.68 8.74
CA ALA A 38 18.68 9.90 9.70
C ALA A 38 18.28 10.70 10.92
N GLN A 39 18.93 11.84 11.19
CA GLN A 39 18.55 12.65 12.33
C GLN A 39 17.12 13.15 12.24
N ASP A 40 16.56 13.22 11.03
CA ASP A 40 15.25 13.80 10.82
C ASP A 40 14.10 12.83 11.07
N PHE A 41 14.40 11.58 11.40
CA PHE A 41 13.38 10.58 11.68
C PHE A 41 13.36 10.15 13.13
N LYS A 42 14.49 9.69 13.66
CA LYS A 42 14.63 9.42 15.08
C LYS A 42 15.97 9.95 15.55
N THR A 43 15.95 10.67 16.67
CA THR A 43 17.18 11.22 17.22
C THR A 43 18.01 10.12 17.89
N ASP A 44 19.27 10.46 18.17
CA ASP A 44 20.26 9.59 18.81
C ASP A 44 20.20 8.16 18.29
N LEU A 45 20.05 8.00 16.98
CA LEU A 45 20.06 6.67 16.38
C LEU A 45 21.48 6.12 16.32
N ARG A 46 21.57 4.80 16.21
CA ARG A 46 22.84 4.10 16.10
C ARG A 46 22.80 3.20 14.86
N PHE A 47 23.96 3.02 14.24
CA PHE A 47 24.07 2.33 12.98
C PHE A 47 25.09 1.20 13.05
N GLN A 48 24.89 0.18 12.22
CA GLN A 48 25.89 -0.86 12.06
C GLN A 48 26.80 -0.55 10.88
N SER A 49 28.07 -0.94 11.01
CA SER A 49 29.03 -0.72 9.94
C SER A 49 28.60 -1.42 8.66
N SER A 50 28.11 -2.66 8.78
CA SER A 50 27.62 -3.38 7.61
C SER A 50 26.44 -2.65 6.97
N ALA A 51 25.54 -2.10 7.79
CA ALA A 51 24.42 -1.34 7.25
C ALA A 51 24.88 -0.13 6.48
N VAL A 52 25.85 0.61 7.04
CA VAL A 52 26.37 1.79 6.34
C VAL A 52 27.03 1.39 5.03
N MET A 53 27.81 0.30 5.05
CA MET A 53 28.45 -0.15 3.81
C MET A 53 27.43 -0.56 2.77
N ALA A 54 26.35 -1.24 3.20
CA ALA A 54 25.30 -1.62 2.26
C ALA A 54 24.63 -0.38 1.66
N LEU A 55 24.38 0.63 2.50
CA LEU A 55 23.83 1.89 1.97
C LEU A 55 24.75 2.51 0.94
N GLN A 56 26.06 2.51 1.21
CA GLN A 56 27.01 3.07 0.26
C GLN A 56 27.02 2.30 -1.04
N GLU A 57 27.00 0.96 -0.96
CA GLU A 57 26.96 0.15 -2.17
C GLU A 57 25.71 0.46 -3.00
N ALA A 58 24.54 0.50 -2.35
CA ALA A 58 23.31 0.78 -3.08
C ALA A 58 23.33 2.17 -3.70
N SER A 59 23.80 3.17 -2.95
CA SER A 59 23.86 4.52 -3.48
C SER A 59 24.79 4.62 -4.68
N GLU A 60 25.96 3.99 -4.60
CA GLU A 60 26.89 4.03 -5.72
C GLU A 60 26.32 3.33 -6.94
N ALA A 61 25.68 2.17 -6.74
CA ALA A 61 25.08 1.48 -7.89
C ALA A 61 23.98 2.32 -8.53
N TYR A 62 23.14 2.96 -7.71
CA TYR A 62 22.07 3.79 -8.24
C TYR A 62 22.63 4.96 -9.02
N LEU A 63 23.65 5.63 -8.48
CA LEU A 63 24.22 6.77 -9.18
C LEU A 63 24.90 6.35 -10.46
N VAL A 64 25.56 5.19 -10.47
CA VAL A 64 26.18 4.70 -11.70
C VAL A 64 25.13 4.43 -12.76
N GLY A 65 24.03 3.79 -12.38
CA GLY A 65 22.95 3.56 -13.33
C GLY A 65 22.37 4.86 -13.88
N LEU A 66 22.15 5.83 -12.99
CA LEU A 66 21.62 7.12 -13.42
C LEU A 66 22.58 7.81 -14.39
N PHE A 67 23.89 7.74 -14.10
CA PHE A 67 24.87 8.35 -14.99
C PHE A 67 24.93 7.66 -16.33
N GLU A 68 24.79 6.33 -16.36
CA GLU A 68 24.70 5.62 -17.62
C GLU A 68 23.51 6.12 -18.43
N ASP A 69 22.35 6.23 -17.79
CA ASP A 69 21.15 6.67 -18.50
C ASP A 69 21.31 8.10 -19.00
N THR A 70 21.86 9.00 -18.19
CA THR A 70 22.00 10.38 -18.62
C THR A 70 23.07 10.53 -19.70
N ASN A 71 24.12 9.71 -19.69
CA ASN A 71 25.07 9.69 -20.79
C ASN A 71 24.40 9.22 -22.08
N LEU A 72 23.57 8.19 -21.98
CA LEU A 72 22.83 7.74 -23.16
C LEU A 72 21.95 8.85 -23.71
N SER A 73 21.24 9.56 -22.83
CA SER A 73 20.39 10.66 -23.28
C SER A 73 21.20 11.78 -23.92
N ALA A 74 22.35 12.13 -23.31
CA ALA A 74 23.20 13.18 -23.87
C ALA A 74 23.72 12.79 -25.25
N ILE A 75 24.12 11.53 -25.42
CA ILE A 75 24.53 11.06 -26.74
C ILE A 75 23.37 11.15 -27.72
N HIS A 76 22.18 10.77 -27.29
CA HIS A 76 20.99 10.92 -28.12
C HIS A 76 20.77 12.37 -28.54
N ALA A 77 21.13 13.31 -27.69
CA ALA A 77 21.01 14.73 -28.01
C ALA A 77 22.13 15.23 -28.92
N LYS A 78 22.95 14.32 -29.46
CA LYS A 78 24.06 14.66 -30.37
C LYS A 78 25.06 15.59 -29.68
N ARG A 79 25.59 15.13 -28.55
CA ARG A 79 26.67 15.83 -27.86
C ARG A 79 27.28 14.86 -26.86
N VAL A 80 28.46 15.22 -26.37
CA VAL A 80 29.20 14.37 -25.44
C VAL A 80 29.20 14.90 -24.02
N THR A 81 28.84 16.17 -23.81
CA THR A 81 28.84 16.77 -22.49
C THR A 81 27.47 16.59 -21.86
N ILE A 82 27.42 15.83 -20.76
CA ILE A 82 26.16 15.64 -20.06
C ILE A 82 25.78 16.93 -19.36
N MET A 83 24.50 17.27 -19.41
CA MET A 83 23.96 18.49 -18.83
C MET A 83 22.79 18.14 -17.92
N PRO A 84 22.47 19.00 -16.96
CA PRO A 84 21.42 18.64 -15.98
C PRO A 84 20.08 18.32 -16.60
N LYS A 85 19.77 18.90 -17.76
CA LYS A 85 18.53 18.54 -18.45
C LYS A 85 18.52 17.08 -18.84
N ASP A 86 19.69 16.52 -19.17
CA ASP A 86 19.76 15.10 -19.49
C ASP A 86 19.41 14.24 -18.27
N ILE A 87 19.93 14.61 -17.10
CA ILE A 87 19.61 13.88 -15.87
C ILE A 87 18.13 14.00 -15.57
N GLN A 88 17.57 15.20 -15.74
CA GLN A 88 16.14 15.38 -15.51
C GLN A 88 15.31 14.51 -16.45
N LEU A 89 15.69 14.45 -17.72
CA LEU A 89 14.98 13.61 -18.67
C LEU A 89 15.08 12.14 -18.30
N ALA A 90 16.27 11.68 -17.90
CA ALA A 90 16.44 10.29 -17.53
C ALA A 90 15.57 9.93 -16.32
N ARG A 91 15.60 10.78 -15.31
CA ARG A 91 14.80 10.51 -14.11
C ARG A 91 13.32 10.55 -14.41
N ARG A 92 12.88 11.48 -15.25
CA ARG A 92 11.47 11.56 -15.60
C ARG A 92 11.03 10.33 -16.39
N ILE A 93 11.84 9.88 -17.35
CA ILE A 93 11.48 8.72 -18.14
C ILE A 93 11.44 7.47 -17.26
N ARG A 94 12.41 7.33 -16.35
CA ARG A 94 12.42 6.17 -15.47
C ARG A 94 11.28 6.19 -14.46
N GLY A 95 10.56 7.30 -14.36
CA GLY A 95 9.42 7.38 -13.48
C GLY A 95 9.71 7.78 -12.05
N GLU A 96 10.93 8.22 -11.76
CA GLU A 96 11.27 8.66 -10.41
C GLU A 96 10.65 10.01 -10.06
N ARG A 97 10.17 10.75 -11.03
CA ARG A 97 9.57 12.06 -10.78
C ARG A 97 8.58 12.44 -11.87
N VAL B 2 24.58 17.87 17.17
CA VAL B 2 23.94 17.94 15.86
C VAL B 2 24.96 18.41 14.82
N LEU B 3 24.66 18.17 13.55
CA LEU B 3 25.56 18.54 12.46
C LEU B 3 24.72 18.89 11.24
N ARG B 4 25.36 19.57 10.27
CA ARG B 4 24.68 20.00 9.07
C ARG B 4 25.68 20.26 7.95
N ASP B 5 25.18 20.50 6.73
CA ASP B 5 26.01 20.75 5.56
C ASP B 5 27.00 19.59 5.32
N ASN B 6 26.53 18.36 5.57
CA ASN B 6 27.31 17.17 5.28
C ASN B 6 27.18 16.71 3.85
N ILE B 7 26.27 17.31 3.08
CA ILE B 7 26.08 16.91 1.69
C ILE B 7 27.30 17.28 0.86
N GLN B 8 28.02 18.33 1.25
CA GLN B 8 29.23 18.73 0.54
C GLN B 8 30.36 17.72 0.70
N GLY B 9 30.23 16.75 1.60
CA GLY B 9 31.23 15.70 1.70
C GLY B 9 31.37 14.90 0.42
N ILE B 10 30.33 14.90 -0.41
CA ILE B 10 30.40 14.26 -1.72
C ILE B 10 31.14 15.20 -2.66
N THR B 11 32.45 14.99 -2.78
CA THR B 11 33.28 15.95 -3.47
C THR B 11 33.10 15.85 -4.99
N LYS B 12 33.47 16.95 -5.66
CA LYS B 12 33.49 16.97 -7.12
C LYS B 12 34.36 15.88 -7.73
N PRO B 13 35.57 15.59 -7.25
CA PRO B 13 36.29 14.42 -7.77
C PRO B 13 35.56 13.11 -7.55
N ALA B 14 34.84 12.96 -6.44
CA ALA B 14 34.06 11.74 -6.23
C ALA B 14 32.95 11.61 -7.26
N ILE B 15 32.22 12.70 -7.51
CA ILE B 15 31.17 12.67 -8.53
C ILE B 15 31.77 12.39 -9.89
N ARG B 16 32.95 12.96 -10.18
CA ARG B 16 33.60 12.71 -11.45
C ARG B 16 33.99 11.25 -11.59
N ARG B 17 34.51 10.64 -10.52
CA ARG B 17 34.85 9.22 -10.57
C ARG B 17 33.60 8.37 -10.80
N LEU B 18 32.50 8.70 -10.14
CA LEU B 18 31.25 7.96 -10.36
C LEU B 18 30.80 8.08 -11.82
N ALA B 19 30.87 9.29 -12.38
CA ALA B 19 30.48 9.48 -13.77
C ALA B 19 31.40 8.72 -14.72
N ARG B 20 32.71 8.73 -14.44
CA ARG B 20 33.65 8.00 -15.29
C ARG B 20 33.37 6.51 -15.24
N ARG B 21 33.05 5.97 -14.07
CA ARG B 21 32.61 4.58 -14.00
C ARG B 21 31.32 4.37 -14.78
N GLY B 22 30.44 5.37 -14.79
CA GLY B 22 29.24 5.30 -15.59
C GLY B 22 29.47 5.38 -17.09
N GLY B 23 30.65 5.84 -17.51
CA GLY B 23 30.96 5.92 -18.92
C GLY B 23 30.72 7.28 -19.53
N VAL B 24 31.03 8.34 -18.78
CA VAL B 24 30.86 9.72 -19.22
C VAL B 24 32.22 10.29 -19.57
N LYS B 25 32.33 10.86 -20.77
CA LYS B 25 33.61 11.42 -21.22
C LYS B 25 33.80 12.84 -20.69
N ARG B 26 32.79 13.69 -20.85
CA ARG B 26 32.88 15.09 -20.48
C ARG B 26 31.68 15.48 -19.63
N ILE B 27 31.92 16.32 -18.62
CA ILE B 27 30.93 16.66 -17.61
C ILE B 27 30.76 18.16 -17.55
N SER B 28 29.52 18.63 -17.53
CA SER B 28 29.24 20.04 -17.34
C SER B 28 29.44 20.43 -15.87
N GLY B 29 29.56 21.73 -15.63
CA GLY B 29 29.80 22.21 -14.28
C GLY B 29 28.62 22.18 -13.36
N LEU B 30 27.41 22.14 -13.90
CA LEU B 30 26.19 22.17 -13.09
C LEU B 30 25.72 20.78 -12.67
N ILE B 31 26.40 19.73 -13.12
CA ILE B 31 25.96 18.37 -12.80
C ILE B 31 26.07 18.09 -11.32
N TYR B 32 26.99 18.76 -10.62
CA TYR B 32 27.33 18.36 -9.26
C TYR B 32 26.20 18.65 -8.29
N GLU B 33 25.61 19.84 -8.37
CA GLU B 33 24.54 20.18 -7.44
C GLU B 33 23.33 19.27 -7.66
N GLU B 34 22.99 18.99 -8.91
CA GLU B 34 21.89 18.09 -9.20
C GLU B 34 22.17 16.68 -8.70
N THR B 35 23.41 16.19 -8.86
CA THR B 35 23.75 14.88 -8.33
C THR B 35 23.62 14.86 -6.81
N ARG B 36 24.07 15.92 -6.15
CA ARG B 36 23.88 16.03 -4.71
C ARG B 36 22.40 15.92 -4.34
N GLY B 37 21.55 16.67 -5.04
CA GLY B 37 20.13 16.63 -4.73
C GLY B 37 19.51 15.25 -4.95
N VAL B 38 19.86 14.61 -6.07
CA VAL B 38 19.30 13.30 -6.39
C VAL B 38 19.73 12.27 -5.35
N LEU B 39 21.01 12.29 -4.97
CA LEU B 39 21.49 11.35 -3.96
C LEU B 39 20.85 11.62 -2.62
N LYS B 40 20.63 12.89 -2.27
CA LYS B 40 19.96 13.20 -1.03
C LYS B 40 18.54 12.64 -1.02
N VAL B 41 17.82 12.79 -2.14
CA VAL B 41 16.46 12.28 -2.21
C VAL B 41 16.45 10.76 -2.08
N PHE B 42 17.36 10.08 -2.79
CA PHE B 42 17.43 8.63 -2.73
C PHE B 42 17.74 8.14 -1.33
N LEU B 43 18.72 8.77 -0.68
CA LEU B 43 19.08 8.38 0.68
C LEU B 43 17.94 8.63 1.64
N GLU B 44 17.22 9.74 1.49
CA GLU B 44 16.08 9.99 2.34
C GLU B 44 15.02 8.90 2.16
N ASN B 45 14.73 8.52 0.92
CA ASN B 45 13.74 7.49 0.67
C ASN B 45 14.14 6.15 1.28
N VAL B 46 15.41 5.77 1.16
CA VAL B 46 15.83 4.48 1.71
C VAL B 46 15.86 4.52 3.23
N ILE B 47 16.41 5.60 3.80
CA ILE B 47 16.58 5.69 5.25
C ILE B 47 15.23 5.79 5.95
N ARG B 48 14.23 6.40 5.30
CA ARG B 48 12.90 6.46 5.91
C ARG B 48 12.38 5.06 6.18
N ASP B 49 12.42 4.19 5.17
CA ASP B 49 11.96 2.81 5.35
C ASP B 49 12.85 2.03 6.30
N ALA B 50 14.16 2.26 6.26
CA ALA B 50 15.05 1.57 7.18
C ALA B 50 14.73 1.92 8.64
N VAL B 51 14.53 3.21 8.91
CA VAL B 51 14.21 3.65 10.26
C VAL B 51 12.84 3.14 10.68
N THR B 52 11.88 3.11 9.76
CA THR B 52 10.57 2.53 10.10
C THR B 52 10.72 1.07 10.49
N TYR B 53 11.49 0.31 9.72
CA TYR B 53 11.71 -1.11 10.05
C TYR B 53 12.38 -1.26 11.40
N THR B 54 13.38 -0.43 11.69
CA THR B 54 14.07 -0.52 12.98
C THR B 54 13.13 -0.21 14.13
N GLU B 55 12.42 0.91 14.05
CA GLU B 55 11.55 1.32 15.15
C GLU B 55 10.35 0.39 15.31
N HIS B 56 9.97 -0.35 14.27
CA HIS B 56 8.94 -1.36 14.46
C HIS B 56 9.42 -2.48 15.38
N ALA B 57 10.68 -2.88 15.24
CA ALA B 57 11.25 -3.96 16.05
C ALA B 57 11.63 -3.51 17.45
N LYS B 58 11.45 -2.23 17.77
CA LYS B 58 11.74 -1.68 19.10
C LYS B 58 13.21 -1.88 19.47
N ARG B 59 14.09 -1.26 18.67
CA ARG B 59 15.49 -1.19 18.99
C ARG B 59 16.08 0.07 18.37
N LYS B 60 17.19 0.53 18.94
CA LYS B 60 17.79 1.81 18.56
C LYS B 60 18.91 1.66 17.54
N THR B 61 19.19 0.45 17.07
CA THR B 61 20.29 0.20 16.15
C THR B 61 19.75 -0.16 14.77
N VAL B 62 20.17 0.57 13.75
CA VAL B 62 19.81 0.27 12.37
C VAL B 62 20.73 -0.83 11.86
N THR B 63 20.15 -1.87 11.29
CA THR B 63 20.91 -3.05 10.92
C THR B 63 20.97 -3.24 9.41
N ALA B 64 21.96 -4.04 8.98
CA ALA B 64 22.10 -4.36 7.57
C ALA B 64 20.87 -5.06 7.03
N MET B 65 20.23 -5.89 7.85
CA MET B 65 18.99 -6.53 7.42
C MET B 65 17.88 -5.50 7.21
N ASP B 66 17.80 -4.50 8.07
CA ASP B 66 16.82 -3.43 7.88
C ASP B 66 17.08 -2.68 6.57
N VAL B 67 18.35 -2.38 6.30
CA VAL B 67 18.68 -1.69 5.06
C VAL B 67 18.35 -2.56 3.85
N VAL B 68 18.63 -3.86 3.94
CA VAL B 68 18.33 -4.79 2.85
C VAL B 68 16.82 -4.84 2.60
N TYR B 69 16.03 -4.90 3.68
CA TYR B 69 14.58 -4.91 3.51
C TYR B 69 14.09 -3.61 2.88
N ALA B 70 14.63 -2.47 3.31
CA ALA B 70 14.21 -1.20 2.74
C ALA B 70 14.55 -1.13 1.25
N LEU B 71 15.72 -1.63 0.86
CA LEU B 71 16.06 -1.67 -0.56
C LEU B 71 15.18 -2.64 -1.32
N LYS B 72 14.86 -3.79 -0.71
CA LYS B 72 14.05 -4.80 -1.38
C LYS B 72 12.64 -4.30 -1.65
N ARG B 73 12.08 -3.53 -0.71
CA ARG B 73 10.73 -3.03 -0.92
C ARG B 73 10.65 -1.97 -2.00
N GLN B 74 11.79 -1.46 -2.49
CA GLN B 74 11.82 -0.53 -3.60
C GLN B 74 12.22 -1.20 -4.91
N GLY B 75 12.26 -2.53 -4.95
CA GLY B 75 12.61 -3.23 -6.17
C GLY B 75 14.06 -3.13 -6.58
N ARG B 76 14.97 -2.99 -5.63
CA ARG B 76 16.41 -2.89 -5.89
C ARG B 76 17.18 -3.82 -4.96
N THR B 77 16.75 -5.07 -4.91
CA THR B 77 17.34 -6.08 -4.03
C THR B 77 18.86 -6.07 -4.11
N LEU B 78 19.50 -6.21 -2.96
CA LEU B 78 20.95 -6.15 -2.82
C LEU B 78 21.46 -7.43 -2.17
N TYR B 79 22.46 -8.05 -2.78
CA TYR B 79 23.06 -9.28 -2.28
C TYR B 79 24.34 -8.97 -1.51
N GLY B 80 24.80 -9.96 -0.75
CA GLY B 80 26.04 -9.86 -0.02
C GLY B 80 25.92 -9.38 1.41
N PHE B 81 24.71 -9.38 1.99
CA PHE B 81 24.53 -8.95 3.37
C PHE B 81 23.53 -9.85 4.11
N GLY B 82 23.26 -11.03 3.58
CA GLY B 82 22.33 -11.94 4.23
C GLY B 82 20.87 -11.57 4.02
N ARG C 1 -30.75 -14.16 24.12
CA ARG C 1 -29.40 -13.86 24.61
C ARG C 1 -29.22 -12.37 24.89
N ALA C 2 -28.84 -11.63 23.85
CA ALA C 2 -28.63 -10.19 23.98
C ALA C 2 -28.67 -9.52 22.60
N LYS C 3 -28.74 -8.19 22.59
CA LYS C 3 -28.75 -7.44 21.35
C LYS C 3 -27.40 -7.53 20.66
N ALA C 4 -27.43 -7.77 19.35
CA ALA C 4 -26.22 -7.97 18.56
C ALA C 4 -25.83 -6.65 17.91
N CYS C 5 -24.61 -6.19 18.20
CA CYS C 5 -24.06 -4.97 17.63
C CYS C 5 -22.82 -5.34 16.81
N THR C 6 -22.76 -4.83 15.59
CA THR C 6 -21.64 -5.16 14.71
C THR C 6 -20.37 -4.44 15.15
N ARG C 7 -19.23 -5.06 14.89
CA ARG C 7 -17.96 -4.47 15.28
C ARG C 7 -17.71 -3.15 14.56
N SER C 8 -18.19 -3.02 13.32
CA SER C 8 -18.09 -1.74 12.63
C SER C 8 -18.87 -0.66 13.36
N SER C 9 -20.05 -1.00 13.87
CA SER C 9 -20.80 -0.07 14.71
C SER C 9 -20.06 0.24 16.00
N ARG C 10 -19.39 -0.76 16.59
CA ARG C 10 -18.59 -0.51 17.79
C ARG C 10 -17.50 0.52 17.50
N ALA C 11 -16.82 0.37 16.36
CA ALA C 11 -15.77 1.30 15.98
C ALA C 11 -16.29 2.52 15.23
N GLY C 12 -17.59 2.57 14.96
CA GLY C 12 -18.14 3.69 14.21
C GLY C 12 -17.62 3.80 12.79
N LEU C 13 -17.42 2.66 12.14
CA LEU C 13 -16.91 2.61 10.77
C LEU C 13 -18.05 2.29 9.80
N GLN C 14 -17.67 2.06 8.55
CA GLN C 14 -18.62 1.64 7.52
C GLN C 14 -18.24 0.32 6.87
N PHE C 15 -16.97 -0.07 6.89
CA PHE C 15 -16.51 -1.29 6.26
C PHE C 15 -16.71 -2.49 7.18
N PRO C 16 -16.86 -3.69 6.62
CA PRO C 16 -17.21 -4.87 7.43
C PRO C 16 -16.00 -5.42 8.18
N VAL C 17 -15.95 -5.18 9.49
CA VAL C 17 -14.86 -5.70 10.29
C VAL C 17 -14.86 -7.23 10.29
N GLY C 18 -16.05 -7.83 10.36
CA GLY C 18 -16.14 -9.28 10.31
C GLY C 18 -15.66 -9.85 9.00
N ARG C 19 -16.03 -9.23 7.88
CA ARG C 19 -15.58 -9.71 6.58
C ARG C 19 -14.07 -9.55 6.43
N VAL C 20 -13.53 -8.44 6.92
CA VAL C 20 -12.09 -8.24 6.87
C VAL C 20 -11.36 -9.31 7.68
N HIS C 21 -11.89 -9.61 8.87
CA HIS C 21 -11.29 -10.65 9.70
C HIS C 21 -11.36 -12.02 9.02
N ARG C 22 -12.50 -12.33 8.41
CA ARG C 22 -12.64 -13.60 7.70
C ARG C 22 -11.65 -13.69 6.55
N LEU C 23 -11.49 -12.60 5.79
CA LEU C 23 -10.52 -12.61 4.70
C LEU C 23 -9.10 -12.79 5.21
N LEU C 24 -8.76 -12.13 6.32
CA LEU C 24 -7.43 -12.28 6.90
C LEU C 24 -7.18 -13.72 7.33
N ARG C 25 -8.16 -14.35 7.98
CA ARG C 25 -7.96 -15.71 8.45
C ARG C 25 -8.14 -16.75 7.35
N LYS C 26 -8.63 -16.35 6.18
CA LYS C 26 -8.77 -17.27 5.05
C LYS C 26 -7.70 -17.06 3.99
N GLY C 27 -6.95 -15.96 4.05
CA GLY C 27 -5.92 -15.68 3.08
C GLY C 27 -4.58 -16.31 3.37
N ASN C 28 -4.47 -17.08 4.44
CA ASN C 28 -3.23 -17.74 4.84
C ASN C 28 -2.09 -16.74 4.97
N TYR C 29 -2.37 -15.65 5.69
CA TYR C 29 -1.36 -14.62 5.95
C TYR C 29 -0.61 -14.85 7.24
N SER C 30 -1.24 -15.46 8.25
CA SER C 30 -0.59 -15.78 9.50
C SER C 30 -1.40 -16.85 10.20
N GLU C 31 -0.75 -17.54 11.15
CA GLU C 31 -1.45 -18.58 11.89
C GLU C 31 -2.55 -18.00 12.75
N ARG C 32 -2.28 -16.88 13.43
CA ARG C 32 -3.27 -16.23 14.26
C ARG C 32 -3.28 -14.74 13.97
N VAL C 33 -4.44 -14.11 14.18
CA VAL C 33 -4.68 -12.73 13.83
C VAL C 33 -5.17 -11.99 15.07
N GLY C 34 -4.59 -10.82 15.32
CA GLY C 34 -4.97 -10.02 16.47
C GLY C 34 -6.37 -9.42 16.33
N ALA C 35 -6.90 -8.99 17.48
CA ALA C 35 -8.28 -8.52 17.52
C ALA C 35 -8.42 -7.16 16.84
N GLY C 36 -7.50 -6.24 17.11
CA GLY C 36 -7.60 -4.90 16.55
C GLY C 36 -7.09 -4.74 15.14
N ALA C 37 -6.43 -5.77 14.59
CA ALA C 37 -5.93 -5.69 13.22
C ALA C 37 -7.03 -5.51 12.19
N PRO C 38 -8.12 -6.30 12.18
CA PRO C 38 -9.18 -6.02 11.20
C PRO C 38 -9.79 -4.65 11.37
N VAL C 39 -9.90 -4.16 12.61
CA VAL C 39 -10.45 -2.82 12.84
C VAL C 39 -9.55 -1.77 12.20
N TYR C 40 -8.25 -1.84 12.47
CA TYR C 40 -7.33 -0.85 11.91
C TYR C 40 -7.33 -0.90 10.39
N LEU C 41 -7.34 -2.12 9.83
CA LEU C 41 -7.33 -2.26 8.38
C LEU C 41 -8.59 -1.70 7.75
N ALA C 42 -9.75 -2.00 8.34
CA ALA C 42 -11.01 -1.47 7.82
C ALA C 42 -11.04 0.05 7.90
N ALA C 43 -10.53 0.61 9.00
CA ALA C 43 -10.46 2.06 9.11
C ALA C 43 -9.59 2.67 8.02
N VAL C 44 -8.43 2.06 7.76
CA VAL C 44 -7.54 2.58 6.73
C VAL C 44 -8.20 2.50 5.35
N LEU C 45 -8.84 1.37 5.07
CA LEU C 45 -9.50 1.20 3.77
C LEU C 45 -10.63 2.21 3.61
N GLU C 46 -11.42 2.42 4.66
CA GLU C 46 -12.50 3.41 4.60
C GLU C 46 -11.95 4.80 4.35
N TYR C 47 -10.86 5.16 5.04
CA TYR C 47 -10.28 6.47 4.82
C TYR C 47 -9.79 6.64 3.39
N LEU C 48 -9.11 5.63 2.85
CA LEU C 48 -8.63 5.74 1.48
C LEU C 48 -9.78 5.85 0.48
N THR C 49 -10.83 5.05 0.67
CA THR C 49 -11.98 5.14 -0.23
C THR C 49 -12.62 6.50 -0.15
N ALA C 50 -12.79 7.05 1.06
CA ALA C 50 -13.38 8.37 1.20
C ALA C 50 -12.51 9.43 0.54
N GLU C 51 -11.20 9.33 0.70
CA GLU C 51 -10.30 10.30 0.09
C GLU C 51 -10.39 10.27 -1.43
N ILE C 52 -10.45 9.07 -2.02
CA ILE C 52 -10.58 8.97 -3.47
C ILE C 52 -11.93 9.50 -3.92
N LEU C 53 -13.00 9.12 -3.20
CA LEU C 53 -14.34 9.50 -3.63
C LEU C 53 -14.58 11.01 -3.54
N GLU C 54 -14.00 11.67 -2.53
CA GLU C 54 -14.17 13.11 -2.43
C GLU C 54 -13.57 13.82 -3.65
N LEU C 55 -12.35 13.43 -4.03
CA LEU C 55 -11.72 14.02 -5.21
C LEU C 55 -12.49 13.69 -6.47
N ALA C 56 -12.99 12.46 -6.58
CA ALA C 56 -13.78 12.09 -7.75
C ALA C 56 -15.05 12.94 -7.85
N GLY C 57 -15.72 13.14 -6.72
CA GLY C 57 -16.92 13.96 -6.72
C GLY C 57 -16.63 15.41 -7.05
N ASN C 58 -15.53 15.95 -6.53
CA ASN C 58 -15.14 17.31 -6.89
C ASN C 58 -14.86 17.43 -8.38
N ALA C 59 -14.17 16.43 -8.95
CA ALA C 59 -13.92 16.44 -10.38
C ALA C 59 -15.21 16.38 -11.17
N ALA C 60 -16.16 15.54 -10.75
CA ALA C 60 -17.43 15.43 -11.45
C ALA C 60 -18.21 16.73 -11.37
N ARG C 61 -18.25 17.36 -10.20
CA ARG C 61 -18.98 18.61 -10.07
C ARG C 61 -18.30 19.75 -10.83
N ASP C 62 -16.98 19.70 -10.99
CA ASP C 62 -16.33 20.67 -11.86
C ASP C 62 -16.63 20.40 -13.32
N ASN C 63 -17.05 19.18 -13.66
CA ASN C 63 -17.47 18.83 -15.00
C ASN C 63 -18.97 18.96 -15.20
N LYS C 64 -19.69 19.48 -14.20
CA LYS C 64 -21.13 19.70 -14.28
C LYS C 64 -21.89 18.39 -14.57
N LYS C 65 -21.51 17.33 -13.86
CA LYS C 65 -22.20 16.05 -13.94
C LYS C 65 -22.43 15.52 -12.54
N THR C 66 -23.33 14.54 -12.43
CA THR C 66 -23.78 14.03 -11.14
C THR C 66 -23.43 12.57 -10.89
N ARG C 67 -22.85 11.88 -11.86
CA ARG C 67 -22.45 10.49 -11.69
C ARG C 67 -20.95 10.35 -11.87
N ILE C 68 -20.33 9.58 -10.98
CA ILE C 68 -18.88 9.37 -11.01
C ILE C 68 -18.56 8.30 -12.04
N ILE C 69 -17.61 8.59 -12.92
CA ILE C 69 -17.27 7.69 -14.02
C ILE C 69 -15.78 7.41 -13.92
N PRO C 70 -15.30 6.35 -14.60
CA PRO C 70 -13.86 6.06 -14.60
C PRO C 70 -13.00 7.23 -15.09
N ARG C 71 -13.52 8.06 -16.00
CA ARG C 71 -12.79 9.27 -16.38
C ARG C 71 -12.59 10.19 -15.17
N HIS C 72 -13.63 10.39 -14.37
CA HIS C 72 -13.50 11.20 -13.17
C HIS C 72 -12.52 10.58 -12.19
N LEU C 73 -12.59 9.25 -12.03
CA LEU C 73 -11.65 8.58 -11.13
C LEU C 73 -10.21 8.77 -11.59
N GLN C 74 -9.97 8.62 -12.89
CA GLN C 74 -8.63 8.81 -13.43
C GLN C 74 -8.14 10.23 -13.22
N LEU C 75 -9.00 11.22 -13.47
CA LEU C 75 -8.62 12.61 -13.26
C LEU C 75 -8.29 12.87 -11.80
N ALA C 76 -9.11 12.36 -10.88
CA ALA C 76 -8.87 12.57 -9.45
C ALA C 76 -7.56 11.92 -9.02
N ILE C 77 -7.29 10.70 -9.50
CA ILE C 77 -6.07 10.00 -9.10
C ILE C 77 -4.84 10.72 -9.65
N ARG C 78 -4.87 11.07 -10.94
CA ARG C 78 -3.71 11.69 -11.57
C ARG C 78 -3.50 13.14 -11.15
N ASN C 79 -4.51 13.80 -10.58
CA ASN C 79 -4.31 15.18 -10.14
C ASN C 79 -3.68 15.26 -8.76
N ASP C 80 -3.95 14.29 -7.89
CA ASP C 80 -3.34 14.29 -6.56
C ASP C 80 -1.97 13.63 -6.62
N GLU C 81 -0.96 14.33 -6.10
CA GLU C 81 0.41 13.79 -6.12
C GLU C 81 0.52 12.51 -5.29
N GLU C 82 -0.06 12.51 -4.09
CA GLU C 82 0.05 11.35 -3.23
C GLU C 82 -0.63 10.12 -3.84
N LEU C 83 -1.86 10.30 -4.33
CA LEU C 83 -2.57 9.19 -4.95
C LEU C 83 -1.89 8.73 -6.23
N ASN C 84 -1.35 9.67 -7.00
CA ASN C 84 -0.63 9.30 -8.22
C ASN C 84 0.60 8.46 -7.89
N LYS C 85 1.35 8.86 -6.85
CA LYS C 85 2.50 8.06 -6.45
C LYS C 85 2.08 6.70 -5.91
N LEU C 86 0.98 6.63 -5.17
CA LEU C 86 0.52 5.35 -4.65
C LEU C 86 0.07 4.42 -5.78
N LEU C 87 -0.53 4.99 -6.83
CA LEU C 87 -1.07 4.21 -7.93
C LEU C 87 -0.36 4.54 -9.23
N GLY C 88 0.97 4.67 -9.18
CA GLY C 88 1.74 5.00 -10.37
C GLY C 88 1.82 3.88 -11.39
N ARG C 89 1.62 2.63 -10.96
CA ARG C 89 1.71 1.48 -11.83
C ARG C 89 0.35 0.81 -12.00
N VAL C 90 -0.71 1.62 -12.00
CA VAL C 90 -2.08 1.13 -12.08
C VAL C 90 -2.74 1.70 -13.32
N THR C 91 -3.38 0.84 -14.10
CA THR C 91 -4.10 1.24 -15.29
C THR C 91 -5.60 1.15 -15.03
N ILE C 92 -6.32 2.23 -15.31
CA ILE C 92 -7.76 2.29 -15.12
C ILE C 92 -8.44 2.12 -16.47
N ALA C 93 -9.33 1.14 -16.58
CA ALA C 93 -10.08 0.95 -17.81
C ALA C 93 -11.01 2.14 -18.05
N GLN C 94 -11.06 2.59 -19.31
CA GLN C 94 -11.90 3.71 -19.72
C GLN C 94 -11.60 4.95 -18.90
N GLY C 95 -10.33 5.15 -18.57
CA GLY C 95 -9.93 6.27 -17.76
C GLY C 95 -9.40 7.45 -18.54
N GLY C 96 -8.88 7.18 -19.74
CA GLY C 96 -8.27 8.25 -20.50
C GLY C 96 -6.94 8.67 -19.91
N VAL C 97 -6.51 9.88 -20.28
CA VAL C 97 -5.25 10.44 -19.83
C VAL C 97 -5.48 11.85 -19.32
N LEU C 98 -4.51 12.36 -18.59
CA LEU C 98 -4.59 13.73 -18.08
C LEU C 98 -4.28 14.69 -19.22
N PRO C 99 -5.17 15.64 -19.51
CA PRO C 99 -4.92 16.56 -20.63
C PRO C 99 -3.81 17.57 -20.36
N ASN C 100 -2.71 17.45 -21.08
CA ASN C 100 -1.61 18.39 -20.96
C ASN C 100 -0.80 18.38 -22.25
N ILE C 101 -0.26 19.53 -22.62
CA ILE C 101 0.54 19.69 -23.83
C ILE C 101 1.83 20.41 -23.46
N GLN C 102 2.95 19.92 -23.97
CA GLN C 102 4.23 20.58 -23.74
C GLN C 102 4.24 21.96 -24.36
N ALA C 103 4.77 22.94 -23.62
CA ALA C 103 4.74 24.33 -24.07
C ALA C 103 5.54 24.56 -25.35
N VAL C 104 6.51 23.68 -25.65
CA VAL C 104 7.31 23.85 -26.86
C VAL C 104 6.43 23.71 -28.10
N LEU C 105 5.54 22.72 -28.10
CA LEU C 105 4.71 22.45 -29.27
C LEU C 105 3.69 23.54 -29.55
N LEU C 106 3.39 24.39 -28.57
CA LEU C 106 2.42 25.44 -28.79
C LEU C 106 2.96 26.46 -29.79
N PRO C 107 2.09 27.04 -30.62
CA PRO C 107 2.55 28.05 -31.58
C PRO C 107 3.04 29.31 -30.88
N LYS C 108 3.99 29.98 -31.52
CA LYS C 108 4.56 31.21 -30.98
C LYS C 108 4.79 32.23 -32.08
N ARG D 1 -25.13 -21.96 -7.03
CA ARG D 1 -25.51 -20.72 -6.34
C ARG D 1 -24.45 -20.30 -5.34
N SER D 2 -23.32 -19.80 -5.85
CA SER D 2 -22.25 -19.31 -4.99
C SER D 2 -22.46 -17.82 -4.71
N ARG D 3 -22.55 -17.47 -3.43
CA ARG D 3 -22.72 -16.08 -3.04
C ARG D 3 -21.37 -15.38 -3.07
N LYS D 4 -21.20 -14.46 -4.01
CA LYS D 4 -19.97 -13.70 -4.15
C LYS D 4 -20.07 -12.38 -3.42
N GLU D 5 -18.96 -11.94 -2.85
CA GLU D 5 -18.93 -10.77 -1.97
C GLU D 5 -18.07 -9.67 -2.56
N SER D 6 -18.46 -8.43 -2.28
CA SER D 6 -17.71 -7.26 -2.73
C SER D 6 -17.82 -6.20 -1.66
N TYR D 7 -17.41 -4.98 -2.00
CA TYR D 7 -17.49 -3.83 -1.10
C TYR D 7 -18.43 -2.76 -1.61
N SER D 8 -19.34 -3.13 -2.52
CA SER D 8 -20.18 -2.12 -3.17
C SER D 8 -21.06 -1.38 -2.17
N VAL D 9 -21.66 -2.11 -1.23
CA VAL D 9 -22.59 -1.48 -0.28
C VAL D 9 -21.84 -0.48 0.59
N TYR D 10 -20.69 -0.89 1.13
CA TYR D 10 -19.92 0.00 2.00
C TYR D 10 -19.36 1.18 1.23
N VAL D 11 -18.92 0.95 -0.01
CA VAL D 11 -18.46 2.05 -0.85
C VAL D 11 -19.60 3.04 -1.09
N TYR D 12 -20.81 2.54 -1.33
CA TYR D 12 -21.96 3.41 -1.52
C TYR D 12 -22.26 4.21 -0.25
N LYS D 13 -22.16 3.56 0.91
CA LYS D 13 -22.38 4.27 2.17
C LYS D 13 -21.36 5.39 2.36
N VAL D 14 -20.08 5.10 2.07
CA VAL D 14 -19.05 6.12 2.19
C VAL D 14 -19.30 7.25 1.20
N LEU D 15 -19.73 6.92 -0.01
CA LEU D 15 -20.04 7.94 -1.00
C LEU D 15 -21.18 8.83 -0.53
N LYS D 16 -22.21 8.24 0.07
CA LYS D 16 -23.30 9.04 0.62
C LYS D 16 -22.84 9.91 1.77
N GLN D 17 -21.92 9.40 2.61
CA GLN D 17 -21.38 10.22 3.68
C GLN D 17 -20.62 11.43 3.13
N VAL D 18 -19.84 11.22 2.08
CA VAL D 18 -19.02 12.30 1.54
C VAL D 18 -19.87 13.27 0.73
N HIS D 19 -20.44 12.80 -0.37
CA HIS D 19 -21.37 13.60 -1.19
C HIS D 19 -22.75 12.96 -1.12
N PRO D 20 -23.67 13.52 -0.34
CA PRO D 20 -24.98 12.87 -0.18
C PRO D 20 -25.81 12.83 -1.46
N ASP D 21 -25.49 13.62 -2.47
CA ASP D 21 -26.31 13.78 -3.65
C ASP D 21 -25.49 13.55 -4.91
N THR D 22 -24.73 12.46 -4.94
CA THR D 22 -23.90 12.11 -6.09
C THR D 22 -23.99 10.61 -6.34
N GLY D 23 -24.15 10.23 -7.60
CA GLY D 23 -24.22 8.84 -7.98
C GLY D 23 -22.88 8.31 -8.46
N ILE D 24 -22.88 7.02 -8.83
CA ILE D 24 -21.68 6.34 -9.29
C ILE D 24 -22.07 5.29 -10.31
N SER D 25 -21.30 5.20 -11.39
CA SER D 25 -21.57 4.22 -12.43
C SER D 25 -21.27 2.80 -11.93
N SER D 26 -21.89 1.82 -12.59
CA SER D 26 -21.68 0.43 -12.20
C SER D 26 -20.25 0.00 -12.44
N LYS D 27 -19.65 0.41 -13.56
CA LYS D 27 -18.28 0.03 -13.84
C LYS D 27 -17.31 0.71 -12.88
N ALA D 28 -17.63 1.94 -12.46
CA ALA D 28 -16.80 2.61 -11.45
C ALA D 28 -16.79 1.83 -10.14
N MET D 29 -17.90 1.18 -9.80
CA MET D 29 -17.93 0.36 -8.60
C MET D 29 -16.96 -0.81 -8.71
N GLY D 30 -16.85 -1.41 -9.89
CA GLY D 30 -15.86 -2.46 -10.09
C GLY D 30 -14.44 -1.95 -9.91
N ILE D 31 -14.17 -0.74 -10.40
CA ILE D 31 -12.86 -0.13 -10.20
C ILE D 31 -12.59 0.09 -8.72
N MET D 32 -13.59 0.57 -7.98
CA MET D 32 -13.41 0.77 -6.54
C MET D 32 -13.16 -0.55 -5.83
N ASN D 33 -13.88 -1.59 -6.22
CA ASN D 33 -13.65 -2.91 -5.61
C ASN D 33 -12.24 -3.41 -5.90
N SER D 34 -11.77 -3.24 -7.14
CA SER D 34 -10.42 -3.65 -7.47
C SER D 34 -9.40 -2.87 -6.68
N PHE D 35 -9.61 -1.57 -6.51
CA PHE D 35 -8.70 -0.75 -5.73
C PHE D 35 -8.66 -1.21 -4.27
N VAL D 36 -9.83 -1.47 -3.69
CA VAL D 36 -9.88 -1.92 -2.31
C VAL D 36 -9.17 -3.25 -2.15
N ASN D 37 -9.41 -4.18 -3.07
CA ASN D 37 -8.76 -5.49 -2.99
C ASN D 37 -7.25 -5.36 -3.14
N ASP D 38 -6.79 -4.50 -4.05
CA ASP D 38 -5.35 -4.32 -4.24
C ASP D 38 -4.70 -3.75 -2.98
N ILE D 39 -5.33 -2.73 -2.40
CA ILE D 39 -4.76 -2.12 -1.20
C ILE D 39 -4.76 -3.12 -0.04
N PHE D 40 -5.84 -3.90 0.08
CA PHE D 40 -5.89 -4.91 1.13
C PHE D 40 -4.79 -5.94 0.95
N GLU D 41 -4.58 -6.41 -0.28
CA GLU D 41 -3.51 -7.38 -0.53
C GLU D 41 -2.15 -6.79 -0.20
N ARG D 42 -1.90 -5.54 -0.60
CA ARG D 42 -0.62 -4.92 -0.31
C ARG D 42 -0.37 -4.85 1.20
N ILE D 43 -1.37 -4.34 1.94
CA ILE D 43 -1.18 -4.16 3.37
C ILE D 43 -1.02 -5.50 4.08
N ALA D 44 -1.83 -6.50 3.68
CA ALA D 44 -1.72 -7.81 4.31
C ALA D 44 -0.37 -8.45 4.02
N GLY D 45 0.12 -8.33 2.79
CA GLY D 45 1.42 -8.89 2.47
C GLY D 45 2.54 -8.21 3.24
N GLU D 46 2.48 -6.88 3.36
CA GLU D 46 3.51 -6.18 4.12
C GLU D 46 3.46 -6.56 5.59
N ALA D 47 2.26 -6.70 6.16
CA ALA D 47 2.14 -7.10 7.55
C ALA D 47 2.68 -8.51 7.77
N SER D 48 2.39 -9.42 6.84
CA SER D 48 2.91 -10.78 6.95
C SER D 48 4.44 -10.78 6.87
N ARG D 49 5.00 -9.99 5.96
CA ARG D 49 6.45 -9.90 5.87
C ARG D 49 7.05 -9.35 7.15
N LEU D 50 6.43 -8.33 7.74
CA LEU D 50 6.92 -7.78 9.00
C LEU D 50 6.87 -8.83 10.10
N ALA D 51 5.77 -9.57 10.19
CA ALA D 51 5.64 -10.60 11.21
C ALA D 51 6.70 -11.68 11.04
N HIS D 52 6.96 -12.10 9.80
CA HIS D 52 8.00 -13.08 9.56
C HIS D 52 9.38 -12.51 9.91
N TYR D 53 9.64 -11.26 9.57
CA TYR D 53 10.93 -10.65 9.87
C TYR D 53 11.19 -10.60 11.36
N ASN D 54 10.20 -10.20 12.15
CA ASN D 54 10.34 -10.11 13.59
C ASN D 54 10.22 -11.47 14.28
N LYS D 55 10.18 -12.55 13.51
CA LYS D 55 10.06 -13.91 14.04
C LYS D 55 8.83 -14.07 14.91
N ARG D 56 7.78 -13.29 14.63
CA ARG D 56 6.53 -13.37 15.36
C ARG D 56 5.57 -14.32 14.66
N SER D 57 4.36 -14.44 15.22
CA SER D 57 3.33 -15.25 14.58
C SER D 57 1.95 -14.62 14.68
N THR D 58 1.85 -13.37 15.14
CA THR D 58 0.57 -12.71 15.32
C THR D 58 0.61 -11.35 14.64
N ILE D 59 -0.52 -10.96 14.06
CA ILE D 59 -0.66 -9.67 13.39
C ILE D 59 -1.48 -8.75 14.28
N THR D 60 -0.87 -7.68 14.76
CA THR D 60 -1.53 -6.73 15.63
C THR D 60 -1.57 -5.35 14.99
N SER D 61 -1.99 -4.35 15.77
CA SER D 61 -2.04 -2.98 15.27
C SER D 61 -0.65 -2.45 14.96
N ARG D 62 0.38 -2.96 15.64
CA ARG D 62 1.75 -2.52 15.36
C ARG D 62 2.15 -2.86 13.93
N GLU D 63 1.91 -4.10 13.50
CA GLU D 63 2.29 -4.51 12.15
C GLU D 63 1.55 -3.70 11.09
N ILE D 64 0.26 -3.46 11.30
CA ILE D 64 -0.50 -2.70 10.31
C ILE D 64 -0.06 -1.23 10.30
N GLN D 65 0.24 -0.66 11.47
CA GLN D 65 0.77 0.70 11.50
C GLN D 65 2.07 0.79 10.72
N THR D 66 2.97 -0.17 10.93
CA THR D 66 4.24 -0.16 10.21
C THR D 66 4.02 -0.32 8.71
N ALA D 67 3.11 -1.21 8.32
CA ALA D 67 2.84 -1.41 6.89
C ALA D 67 2.26 -0.16 6.26
N VAL D 68 1.35 0.51 6.95
CA VAL D 68 0.76 1.74 6.43
C VAL D 68 1.82 2.81 6.29
N ARG D 69 2.69 2.96 7.30
CA ARG D 69 3.76 3.93 7.21
C ARG D 69 4.69 3.63 6.04
N LEU D 70 4.99 2.36 5.82
CA LEU D 70 5.85 1.98 4.69
C LEU D 70 5.18 2.28 3.35
N LEU D 71 3.89 2.00 3.23
CA LEU D 71 3.23 2.07 1.92
C LEU D 71 2.79 3.50 1.60
N LEU D 72 1.95 4.09 2.44
CA LEU D 72 1.35 5.37 2.07
C LEU D 72 2.39 6.49 2.18
N PRO D 73 2.46 7.37 1.19
CA PRO D 73 3.50 8.40 1.17
C PRO D 73 3.07 9.71 1.83
N GLY D 74 3.98 10.30 2.60
CA GLY D 74 3.81 11.69 3.02
C GLY D 74 2.59 11.91 3.88
N GLU D 75 1.95 13.08 3.67
CA GLU D 75 0.82 13.49 4.50
C GLU D 75 -0.32 12.49 4.44
N LEU D 76 -0.45 11.75 3.33
CA LEU D 76 -1.49 10.74 3.23
C LEU D 76 -1.35 9.68 4.32
N ALA D 77 -0.11 9.26 4.60
CA ALA D 77 0.11 8.29 5.66
C ALA D 77 -0.26 8.86 7.03
N LYS D 78 0.05 10.14 7.27
CA LYS D 78 -0.22 10.74 8.56
C LYS D 78 -1.70 10.67 8.91
N HIS D 79 -2.57 11.07 7.98
CA HIS D 79 -4.00 11.01 8.23
C HIS D 79 -4.47 9.57 8.41
N ALA D 80 -3.96 8.66 7.59
CA ALA D 80 -4.40 7.26 7.66
C ALA D 80 -4.05 6.63 9.00
N VAL D 81 -2.84 6.88 9.51
CA VAL D 81 -2.46 6.36 10.81
C VAL D 81 -3.31 6.99 11.90
N SER D 82 -3.62 8.28 11.76
CA SER D 82 -4.49 8.95 12.72
C SER D 82 -5.87 8.31 12.75
N GLU D 83 -6.43 7.98 11.59
CA GLU D 83 -7.74 7.36 11.54
C GLU D 83 -7.73 5.98 12.17
N GLY D 84 -6.68 5.19 11.90
CA GLY D 84 -6.64 3.84 12.43
C GLY D 84 -6.53 3.81 13.95
N THR D 85 -5.68 4.67 14.51
CA THR D 85 -5.53 4.71 15.96
C THR D 85 -6.83 5.12 16.63
N LYS D 86 -7.55 6.08 16.06
CA LYS D 86 -8.83 6.50 16.61
C LYS D 86 -9.83 5.35 16.61
N ALA D 87 -9.88 4.59 15.52
CA ALA D 87 -10.80 3.45 15.45
C ALA D 87 -10.47 2.40 16.49
N VAL D 88 -9.17 2.12 16.67
CA VAL D 88 -8.76 1.16 17.71
C VAL D 88 -9.13 1.67 19.09
N THR D 89 -8.95 2.96 19.32
CA THR D 89 -9.25 3.55 20.63
C THR D 89 -10.73 3.35 20.97
N LYS D 90 -11.62 3.68 20.03
CA LYS D 90 -13.04 3.49 20.28
C LYS D 90 -13.39 2.02 20.48
N TYR D 91 -12.82 1.14 19.66
CA TYR D 91 -13.11 -0.29 19.79
C TYR D 91 -12.62 -0.84 21.13
N THR D 92 -11.42 -0.44 21.54
CA THR D 92 -10.90 -0.88 22.83
C THR D 92 -11.70 -0.31 24.00
N SER D 93 -12.17 0.93 23.87
CA SER D 93 -12.94 1.56 24.92
C SER D 93 -14.31 0.91 25.07
N PRO E 1 -9.28 28.84 -51.59
CA PRO E 1 -10.33 28.31 -50.73
C PRO E 1 -10.01 28.47 -49.26
N HIS E 2 -10.29 27.43 -48.47
CA HIS E 2 -9.97 27.40 -47.05
C HIS E 2 -8.97 26.29 -46.78
N ARG E 3 -7.87 26.66 -46.13
CA ARG E 3 -6.78 25.70 -45.90
C ARG E 3 -6.08 26.06 -44.60
N TYR E 4 -6.27 25.22 -43.58
CA TYR E 4 -5.58 25.41 -42.32
C TYR E 4 -4.08 25.14 -42.49
N ARG E 5 -3.26 25.99 -41.88
CA ARG E 5 -1.82 25.74 -41.90
C ARG E 5 -1.52 24.48 -41.07
N PRO E 6 -0.48 23.74 -41.45
CA PRO E 6 -0.19 22.48 -40.76
C PRO E 6 0.09 22.70 -39.28
N GLY E 7 -0.40 21.77 -38.45
CA GLY E 7 -0.20 21.82 -37.03
C GLY E 7 -1.45 22.10 -36.24
N THR E 8 -2.29 23.02 -36.73
CA THR E 8 -3.52 23.35 -36.02
C THR E 8 -4.47 22.16 -35.94
N VAL E 9 -4.61 21.42 -37.05
CA VAL E 9 -5.43 20.22 -37.03
C VAL E 9 -4.84 19.18 -36.08
N ALA E 10 -3.51 19.08 -36.04
CA ALA E 10 -2.89 18.17 -35.09
C ALA E 10 -3.19 18.60 -33.65
N LEU E 11 -3.16 19.90 -33.37
CA LEU E 11 -3.47 20.38 -32.03
C LEU E 11 -4.91 20.09 -31.65
N ARG E 12 -5.84 20.31 -32.57
CA ARG E 12 -7.24 20.02 -32.24
C ARG E 12 -7.47 18.51 -32.09
N GLU E 13 -6.76 17.69 -32.86
CA GLU E 13 -6.85 16.25 -32.66
C GLU E 13 -6.30 15.85 -31.30
N ILE E 14 -5.20 16.47 -30.87
CA ILE E 14 -4.67 16.20 -29.54
C ILE E 14 -5.69 16.56 -28.47
N ARG E 15 -6.30 17.73 -28.60
CA ARG E 15 -7.30 18.16 -27.63
C ARG E 15 -8.50 17.21 -27.61
N ARG E 16 -8.93 16.75 -28.78
CA ARG E 16 -10.07 15.85 -28.86
C ARG E 16 -9.75 14.50 -28.23
N TYR E 17 -8.64 13.88 -28.63
CA TYR E 17 -8.33 12.53 -28.17
C TYR E 17 -7.80 12.48 -26.75
N GLN E 18 -7.35 13.61 -26.19
CA GLN E 18 -6.98 13.63 -24.78
C GLN E 18 -8.18 13.90 -23.87
N LYS E 19 -9.37 14.07 -24.43
CA LYS E 19 -10.57 14.28 -23.65
C LYS E 19 -11.53 13.09 -23.68
N SER E 20 -11.41 12.23 -24.68
CA SER E 20 -12.25 11.04 -24.80
C SER E 20 -11.57 9.84 -24.13
N THR E 21 -12.36 8.79 -23.92
CA THR E 21 -11.89 7.58 -23.27
C THR E 21 -12.13 6.32 -24.10
N GLU E 22 -12.57 6.47 -25.35
CA GLU E 22 -12.86 5.32 -26.18
C GLU E 22 -11.57 4.61 -26.60
N LEU E 23 -11.71 3.36 -27.02
CA LEU E 23 -10.60 2.62 -27.58
C LEU E 23 -10.26 3.18 -28.95
N LEU E 24 -8.97 3.24 -29.26
CA LEU E 24 -8.50 3.86 -30.50
C LEU E 24 -8.06 2.85 -31.55
N ILE E 25 -8.30 1.56 -31.33
CA ILE E 25 -7.95 0.51 -32.29
C ILE E 25 -9.22 -0.28 -32.62
N ARG E 26 -9.22 -0.92 -33.79
CA ARG E 26 -10.41 -1.61 -34.23
C ARG E 26 -10.48 -3.02 -33.64
N LYS E 27 -11.66 -3.37 -33.13
CA LYS E 27 -11.81 -4.59 -32.34
C LYS E 27 -11.51 -5.83 -33.16
N LEU E 28 -12.04 -5.93 -34.39
CA LEU E 28 -11.85 -7.15 -35.16
C LEU E 28 -10.38 -7.38 -35.52
N PRO E 29 -9.63 -6.43 -36.08
CA PRO E 29 -8.21 -6.68 -36.31
C PRO E 29 -7.43 -6.90 -35.03
N PHE E 30 -7.80 -6.24 -33.93
CA PHE E 30 -7.10 -6.52 -32.68
C PHE E 30 -7.32 -7.96 -32.24
N GLN E 31 -8.55 -8.47 -32.38
CA GLN E 31 -8.83 -9.86 -32.04
C GLN E 31 -8.06 -10.80 -32.95
N ARG E 32 -7.99 -10.48 -34.25
CA ARG E 32 -7.23 -11.32 -35.16
C ARG E 32 -5.76 -11.36 -34.77
N LEU E 33 -5.20 -10.21 -34.40
CA LEU E 33 -3.80 -10.17 -33.97
C LEU E 33 -3.59 -11.00 -32.72
N VAL E 34 -4.50 -10.87 -31.74
CA VAL E 34 -4.35 -11.62 -30.50
C VAL E 34 -4.41 -13.11 -30.76
N ARG E 35 -5.37 -13.54 -31.59
CA ARG E 35 -5.49 -14.96 -31.90
C ARG E 35 -4.27 -15.47 -32.66
N GLU E 36 -3.72 -14.66 -33.57
CA GLU E 36 -2.50 -15.06 -34.27
C GLU E 36 -1.33 -15.21 -33.30
N ILE E 37 -1.19 -14.26 -32.38
CA ILE E 37 -0.08 -14.33 -31.43
C ILE E 37 -0.21 -15.53 -30.52
N ALA E 38 -1.42 -15.80 -30.02
CA ALA E 38 -1.61 -16.88 -29.07
C ALA E 38 -1.62 -18.26 -29.72
N GLN E 39 -1.68 -18.35 -31.04
CA GLN E 39 -1.81 -19.66 -31.69
C GLN E 39 -0.52 -20.46 -31.67
N ASP E 40 0.64 -19.82 -31.45
CA ASP E 40 1.90 -20.56 -31.46
C ASP E 40 2.27 -21.10 -30.09
N PHE E 41 1.88 -20.41 -29.02
CA PHE E 41 2.10 -20.95 -27.68
C PHE E 41 1.27 -22.20 -27.47
N LYS E 42 -0.02 -22.14 -27.81
CA LYS E 42 -0.89 -23.31 -27.82
C LYS E 42 -1.99 -23.09 -28.85
N THR E 43 -2.30 -24.14 -29.60
CA THR E 43 -3.27 -24.06 -30.67
C THR E 43 -4.69 -24.17 -30.13
N ASP E 44 -5.65 -23.89 -31.02
CA ASP E 44 -7.09 -24.02 -30.77
C ASP E 44 -7.49 -23.46 -29.40
N LEU E 45 -6.99 -22.26 -29.10
CA LEU E 45 -7.36 -21.58 -27.87
C LEU E 45 -8.58 -20.70 -28.09
N ARG E 46 -9.31 -20.47 -27.00
CA ARG E 46 -10.51 -19.65 -27.02
C ARG E 46 -10.32 -18.48 -26.06
N PHE E 47 -11.07 -17.39 -26.30
CA PHE E 47 -10.92 -16.17 -25.53
C PHE E 47 -12.27 -15.64 -25.11
N GLN E 48 -12.29 -14.94 -23.97
CA GLN E 48 -13.48 -14.20 -23.56
C GLN E 48 -13.40 -12.78 -24.10
N SER E 49 -14.57 -12.22 -24.44
CA SER E 49 -14.62 -10.84 -24.90
C SER E 49 -14.07 -9.90 -23.83
N SER E 50 -14.34 -10.20 -22.56
CA SER E 50 -13.76 -9.39 -21.47
C SER E 50 -12.24 -9.47 -21.47
N ALA E 51 -11.69 -10.67 -21.70
CA ALA E 51 -10.24 -10.81 -21.74
C ALA E 51 -9.65 -10.02 -22.90
N VAL E 52 -10.29 -10.08 -24.07
CA VAL E 52 -9.79 -9.33 -25.21
C VAL E 52 -9.85 -7.83 -24.94
N MET E 53 -10.95 -7.37 -24.33
CA MET E 53 -11.06 -5.95 -23.98
C MET E 53 -9.98 -5.54 -22.99
N ALA E 54 -9.70 -6.39 -22.00
CA ALA E 54 -8.64 -6.08 -21.05
C ALA E 54 -7.28 -6.00 -21.74
N LEU E 55 -7.00 -6.92 -22.65
CA LEU E 55 -5.76 -6.88 -23.40
C LEU E 55 -5.65 -5.59 -24.22
N GLN E 56 -6.75 -5.19 -24.87
CA GLN E 56 -6.72 -3.97 -25.66
C GLN E 56 -6.51 -2.74 -24.78
N GLU E 57 -7.17 -2.71 -23.62
CA GLU E 57 -6.98 -1.59 -22.70
C GLU E 57 -5.53 -1.49 -22.25
N ALA E 58 -4.95 -2.62 -21.84
CA ALA E 58 -3.56 -2.62 -21.40
C ALA E 58 -2.62 -2.19 -22.51
N SER E 59 -2.82 -2.72 -23.72
CA SER E 59 -1.94 -2.36 -24.83
C SER E 59 -2.05 -0.89 -25.17
N GLU E 60 -3.27 -0.34 -25.19
CA GLU E 60 -3.43 1.07 -25.51
C GLU E 60 -2.80 1.96 -24.44
N ALA E 61 -2.98 1.61 -23.16
CA ALA E 61 -2.36 2.40 -22.10
C ALA E 61 -0.84 2.36 -22.21
N TYR E 62 -0.29 1.18 -22.46
CA TYR E 62 1.17 1.06 -22.61
C TYR E 62 1.67 1.89 -23.78
N LEU E 63 0.95 1.84 -24.92
CA LEU E 63 1.38 2.61 -26.08
C LEU E 63 1.29 4.10 -25.81
N VAL E 64 0.25 4.55 -25.11
CA VAL E 64 0.12 5.97 -24.79
C VAL E 64 1.27 6.41 -23.90
N GLY E 65 1.60 5.61 -22.88
CA GLY E 65 2.73 5.94 -22.04
C GLY E 65 4.04 5.98 -22.80
N LEU E 66 4.25 5.02 -23.69
CA LEU E 66 5.46 5.01 -24.50
C LEU E 66 5.53 6.23 -25.41
N PHE E 67 4.38 6.64 -25.96
CA PHE E 67 4.37 7.82 -26.81
C PHE E 67 4.65 9.09 -26.03
N GLU E 68 4.15 9.18 -24.81
CA GLU E 68 4.49 10.32 -23.96
C GLU E 68 5.99 10.36 -23.69
N ASP E 69 6.58 9.20 -23.35
CA ASP E 69 8.02 9.17 -23.08
C ASP E 69 8.81 9.54 -24.32
N THR E 70 8.46 9.00 -25.49
CA THR E 70 9.20 9.30 -26.70
C THR E 70 9.01 10.75 -27.15
N ASN E 71 7.83 11.33 -26.90
CA ASN E 71 7.65 12.76 -27.18
C ASN E 71 8.55 13.61 -26.30
N LEU E 72 8.64 13.26 -25.00
CA LEU E 72 9.54 14.01 -24.12
C LEU E 72 10.99 13.88 -24.59
N SER E 73 11.39 12.67 -24.98
CA SER E 73 12.76 12.48 -25.48
C SER E 73 13.02 13.30 -26.73
N ALA E 74 12.07 13.29 -27.67
CA ALA E 74 12.25 14.04 -28.91
C ALA E 74 12.33 15.54 -28.65
N ILE E 75 11.49 16.04 -27.74
CA ILE E 75 11.58 17.45 -27.37
C ILE E 75 12.93 17.76 -26.74
N HIS E 76 13.42 16.86 -25.89
CA HIS E 76 14.77 17.00 -25.36
C HIS E 76 15.81 17.06 -26.46
N ALA E 77 15.58 16.36 -27.57
CA ALA E 77 16.47 16.40 -28.73
C ALA E 77 16.32 17.68 -29.54
N LYS E 78 15.64 18.69 -29.00
CA LYS E 78 15.47 19.99 -29.65
C LYS E 78 14.76 19.84 -30.99
N ARG E 79 13.77 18.95 -31.03
CA ARG E 79 12.98 18.71 -32.23
C ARG E 79 11.51 18.64 -31.86
N VAL E 80 10.67 18.55 -32.88
CA VAL E 80 9.23 18.43 -32.68
C VAL E 80 8.65 17.21 -33.40
N THR E 81 9.46 16.47 -34.15
CA THR E 81 8.99 15.30 -34.88
C THR E 81 9.55 14.03 -34.24
N ILE E 82 8.67 13.10 -33.92
CA ILE E 82 9.09 11.86 -33.29
C ILE E 82 9.66 10.94 -34.35
N MET E 83 10.72 10.22 -34.00
CA MET E 83 11.39 9.28 -34.89
C MET E 83 11.77 8.05 -34.09
N PRO E 84 12.03 6.92 -34.77
CA PRO E 84 12.30 5.68 -34.03
C PRO E 84 13.49 5.74 -33.10
N LYS E 85 14.43 6.66 -33.32
CA LYS E 85 15.53 6.85 -32.37
C LYS E 85 14.99 7.19 -30.99
N ASP E 86 13.99 8.08 -30.92
CA ASP E 86 13.42 8.47 -29.64
C ASP E 86 12.73 7.30 -28.96
N ILE E 87 11.99 6.50 -29.73
CA ILE E 87 11.33 5.32 -29.16
C ILE E 87 12.36 4.34 -28.63
N GLN E 88 13.44 4.11 -29.38
CA GLN E 88 14.48 3.22 -28.91
C GLN E 88 15.13 3.74 -27.64
N LEU E 89 15.37 5.05 -27.57
CA LEU E 89 15.94 5.63 -26.35
C LEU E 89 15.00 5.43 -25.17
N ALA E 90 13.71 5.68 -25.36
CA ALA E 90 12.76 5.50 -24.26
C ALA E 90 12.71 4.04 -23.80
N ARG E 91 12.69 3.10 -24.75
CA ARG E 91 12.71 1.69 -24.39
C ARG E 91 13.97 1.32 -23.62
N ARG E 92 15.13 1.83 -24.07
CA ARG E 92 16.38 1.53 -23.39
C ARG E 92 16.40 2.09 -21.98
N ILE E 93 15.92 3.33 -21.81
CA ILE E 93 15.97 3.97 -20.50
C ILE E 93 14.99 3.29 -19.54
N ARG E 94 13.82 2.92 -20.02
CA ARG E 94 12.84 2.24 -19.16
C ARG E 94 13.19 0.78 -18.91
N GLY E 95 14.31 0.30 -19.44
CA GLY E 95 14.75 -1.05 -19.14
C GLY E 95 13.94 -2.15 -19.78
N GLU E 96 13.23 -1.87 -20.87
CA GLU E 96 12.45 -2.87 -21.55
C GLU E 96 13.24 -3.64 -22.59
N ARG E 97 14.51 -3.32 -22.79
CA ARG E 97 15.32 -3.99 -23.80
C ARG E 97 16.81 -3.87 -23.47
N LYS F 1 -4.63 -21.91 -39.07
CA LYS F 1 -3.40 -21.15 -39.14
C LYS F 1 -3.67 -19.71 -39.57
N VAL F 2 -3.83 -18.83 -38.60
CA VAL F 2 -4.10 -17.41 -38.87
C VAL F 2 -2.85 -16.78 -39.46
N LEU F 3 -3.00 -16.07 -40.58
CA LEU F 3 -1.88 -15.48 -41.30
C LEU F 3 -1.16 -14.42 -40.47
N ARG F 4 0.03 -14.03 -40.90
CA ARG F 4 0.81 -13.01 -40.22
C ARG F 4 0.43 -11.59 -40.64
N ASP F 5 -0.52 -11.45 -41.56
CA ASP F 5 -0.94 -10.14 -42.02
C ASP F 5 -1.71 -9.35 -40.96
N ASN F 6 -2.11 -10.00 -39.85
CA ASN F 6 -2.91 -9.31 -38.85
C ASN F 6 -2.15 -8.19 -38.15
N ILE F 7 -0.81 -8.26 -38.13
CA ILE F 7 -0.03 -7.17 -37.54
C ILE F 7 -0.25 -5.89 -38.31
N GLN F 8 -0.52 -5.99 -39.62
CA GLN F 8 -0.88 -4.81 -40.40
C GLN F 8 -2.28 -4.30 -40.07
N GLY F 9 -3.06 -5.05 -39.29
CA GLY F 9 -4.38 -4.58 -38.93
C GLY F 9 -4.36 -3.31 -38.11
N ILE F 10 -3.28 -3.07 -37.38
CA ILE F 10 -3.11 -1.82 -36.64
C ILE F 10 -2.78 -0.75 -37.66
N THR F 11 -3.78 0.04 -38.04
CA THR F 11 -3.64 0.93 -39.17
C THR F 11 -2.79 2.14 -38.83
N LYS F 12 -2.21 2.73 -39.88
CA LYS F 12 -1.47 3.99 -39.74
C LYS F 12 -2.30 5.08 -39.09
N PRO F 13 -3.55 5.33 -39.49
CA PRO F 13 -4.36 6.32 -38.74
C PRO F 13 -4.57 5.95 -37.28
N ALA F 14 -4.71 4.66 -36.97
CA ALA F 14 -4.86 4.26 -35.56
C ALA F 14 -3.61 4.58 -34.76
N ILE F 15 -2.44 4.29 -35.32
CA ILE F 15 -1.19 4.63 -34.64
C ILE F 15 -1.08 6.15 -34.49
N ARG F 16 -1.49 6.88 -35.53
CA ARG F 16 -1.42 8.34 -35.46
C ARG F 16 -2.33 8.90 -34.37
N ARG F 17 -3.53 8.35 -34.23
CA ARG F 17 -4.43 8.85 -33.20
C ARG F 17 -3.98 8.42 -31.80
N LEU F 18 -3.33 7.26 -31.69
CA LEU F 18 -2.70 6.91 -30.42
C LEU F 18 -1.60 7.90 -30.06
N ALA F 19 -0.80 8.29 -31.04
CA ALA F 19 0.22 9.31 -30.80
C ALA F 19 -0.42 10.65 -30.43
N ARG F 20 -1.55 10.98 -31.07
CA ARG F 20 -2.26 12.21 -30.73
C ARG F 20 -2.72 12.19 -29.28
N ARG F 21 -3.28 11.07 -28.84
CA ARG F 21 -3.65 10.94 -27.43
C ARG F 21 -2.42 11.05 -26.53
N GLY F 22 -1.30 10.49 -26.96
CA GLY F 22 -0.06 10.62 -26.22
C GLY F 22 0.54 12.01 -26.23
N GLY F 23 0.06 12.89 -27.11
CA GLY F 23 0.56 14.25 -27.18
C GLY F 23 1.58 14.52 -28.26
N VAL F 24 1.67 13.66 -29.28
CA VAL F 24 2.64 13.84 -30.34
C VAL F 24 2.16 14.90 -31.32
N LYS F 25 3.06 15.80 -31.71
CA LYS F 25 2.72 16.83 -32.67
C LYS F 25 2.71 16.28 -34.09
N ARG F 26 3.84 15.73 -34.54
CA ARG F 26 3.93 15.13 -35.86
C ARG F 26 4.78 13.87 -35.78
N ILE F 27 4.56 12.96 -36.74
CA ILE F 27 5.14 11.63 -36.71
C ILE F 27 5.96 11.40 -37.97
N SER F 28 7.14 10.83 -37.81
CA SER F 28 7.94 10.40 -38.96
C SER F 28 7.36 9.13 -39.55
N GLY F 29 7.63 8.93 -40.85
CA GLY F 29 7.09 7.79 -41.56
C GLY F 29 7.61 6.45 -41.07
N LEU F 30 8.83 6.40 -40.52
CA LEU F 30 9.42 5.15 -40.10
C LEU F 30 8.85 4.63 -38.79
N ILE F 31 8.07 5.44 -38.07
CA ILE F 31 7.57 5.06 -36.76
C ILE F 31 6.57 3.92 -36.84
N TYR F 32 5.80 3.85 -37.93
CA TYR F 32 4.64 2.95 -37.99
C TYR F 32 5.04 1.48 -37.97
N GLU F 33 6.30 1.15 -38.27
CA GLU F 33 6.76 -0.22 -38.14
C GLU F 33 7.34 -0.51 -36.77
N GLU F 34 8.11 0.44 -36.23
CA GLU F 34 8.65 0.27 -34.88
C GLU F 34 7.54 0.13 -33.85
N THR F 35 6.48 0.92 -33.99
CA THR F 35 5.37 0.86 -33.03
C THR F 35 4.68 -0.50 -33.06
N ARG F 36 4.42 -1.03 -34.25
CA ARG F 36 3.76 -2.34 -34.30
C ARG F 36 4.70 -3.47 -33.92
N GLY F 37 6.01 -3.29 -34.05
CA GLY F 37 6.94 -4.25 -33.48
C GLY F 37 6.89 -4.24 -31.97
N VAL F 38 6.90 -3.05 -31.37
CA VAL F 38 6.83 -2.94 -29.91
C VAL F 38 5.53 -3.51 -29.38
N LEU F 39 4.41 -3.20 -30.06
CA LEU F 39 3.12 -3.71 -29.64
C LEU F 39 3.09 -5.23 -29.69
N LYS F 40 3.64 -5.82 -30.75
CA LYS F 40 3.62 -7.27 -30.85
C LYS F 40 4.53 -7.90 -29.79
N VAL F 41 5.64 -7.26 -29.47
CA VAL F 41 6.50 -7.79 -28.40
C VAL F 41 5.76 -7.77 -27.06
N PHE F 42 5.10 -6.65 -26.76
CA PHE F 42 4.37 -6.54 -25.50
C PHE F 42 3.24 -7.56 -25.44
N LEU F 43 2.49 -7.71 -26.52
CA LEU F 43 1.41 -8.68 -26.55
C LEU F 43 1.92 -10.09 -26.41
N GLU F 44 3.05 -10.41 -27.05
CA GLU F 44 3.64 -11.73 -26.87
C GLU F 44 4.00 -11.97 -25.41
N ASN F 45 4.60 -10.98 -24.76
CA ASN F 45 4.98 -11.13 -23.36
C ASN F 45 3.76 -11.39 -22.48
N VAL F 46 2.67 -10.63 -22.69
CA VAL F 46 1.49 -10.80 -21.85
C VAL F 46 0.79 -12.13 -22.14
N ILE F 47 0.67 -12.49 -23.42
CA ILE F 47 -0.05 -13.69 -23.79
C ILE F 47 0.71 -14.94 -23.35
N ARG F 48 2.04 -14.88 -23.34
CA ARG F 48 2.82 -16.02 -22.89
C ARG F 48 2.51 -16.38 -21.45
N ASP F 49 2.22 -15.38 -20.60
CA ASP F 49 1.79 -15.64 -19.24
C ASP F 49 0.33 -16.04 -19.16
N ALA F 50 -0.54 -15.40 -19.96
CA ALA F 50 -1.96 -15.74 -19.92
C ALA F 50 -2.20 -17.20 -20.32
N VAL F 51 -1.53 -17.67 -21.37
CA VAL F 51 -1.77 -19.02 -21.86
C VAL F 51 -1.27 -20.05 -20.85
N THR F 52 -0.13 -19.78 -20.19
CA THR F 52 0.35 -20.74 -19.20
C THR F 52 -0.51 -20.73 -17.94
N TYR F 53 -1.08 -19.57 -17.59
CA TYR F 53 -2.07 -19.55 -16.52
C TYR F 53 -3.26 -20.44 -16.87
N THR F 54 -3.77 -20.30 -18.10
CA THR F 54 -4.91 -21.13 -18.52
C THR F 54 -4.55 -22.60 -18.52
N GLU F 55 -3.35 -22.94 -19.01
CA GLU F 55 -2.93 -24.34 -19.05
C GLU F 55 -2.82 -24.91 -17.64
N HIS F 56 -2.26 -24.15 -16.71
CA HIS F 56 -2.25 -24.61 -15.32
C HIS F 56 -3.65 -24.77 -14.78
N ALA F 57 -4.60 -23.96 -15.27
CA ALA F 57 -5.99 -24.11 -14.87
C ALA F 57 -6.68 -25.29 -15.57
N LYS F 58 -5.99 -25.97 -16.49
CA LYS F 58 -6.54 -27.11 -17.22
C LYS F 58 -7.83 -26.72 -17.95
N ARG F 59 -7.83 -25.54 -18.55
CA ARG F 59 -8.95 -25.06 -19.34
C ARG F 59 -8.57 -24.96 -20.81
N LYS F 60 -9.58 -24.70 -21.65
CA LYS F 60 -9.38 -24.51 -23.07
C LYS F 60 -9.59 -23.08 -23.53
N THR F 61 -10.17 -22.23 -22.69
CA THR F 61 -10.40 -20.83 -23.03
C THR F 61 -9.66 -19.93 -22.05
N VAL F 62 -9.38 -18.70 -22.49
CA VAL F 62 -8.65 -17.72 -21.70
C VAL F 62 -9.66 -16.76 -21.08
N THR F 63 -9.72 -16.74 -19.76
CA THR F 63 -10.61 -15.83 -19.05
C THR F 63 -9.97 -14.47 -18.88
N ALA F 64 -10.75 -13.52 -18.36
CA ALA F 64 -10.22 -12.18 -18.10
C ALA F 64 -9.29 -12.18 -16.89
N MET F 65 -9.55 -13.06 -15.92
CA MET F 65 -8.72 -13.11 -14.73
C MET F 65 -7.30 -13.57 -15.05
N ASP F 66 -7.13 -14.43 -16.05
CA ASP F 66 -5.78 -14.84 -16.45
C ASP F 66 -5.00 -13.64 -16.99
N VAL F 67 -5.64 -12.82 -17.81
CA VAL F 67 -5.00 -11.62 -18.32
C VAL F 67 -4.70 -10.64 -17.20
N VAL F 68 -5.62 -10.50 -16.25
CA VAL F 68 -5.40 -9.61 -15.11
C VAL F 68 -4.19 -10.07 -14.31
N TYR F 69 -4.09 -11.37 -14.05
CA TYR F 69 -2.95 -11.91 -13.32
C TYR F 69 -1.65 -11.69 -14.09
N ALA F 70 -1.68 -11.93 -15.41
CA ALA F 70 -0.48 -11.74 -16.21
C ALA F 70 -0.01 -10.29 -16.19
N LEU F 71 -0.95 -9.35 -16.27
CA LEU F 71 -0.58 -7.94 -16.21
C LEU F 71 -0.10 -7.55 -14.82
N LYS F 72 -0.70 -8.13 -13.78
CA LYS F 72 -0.28 -7.82 -12.41
C LYS F 72 1.14 -8.31 -12.16
N ARG F 73 1.49 -9.48 -12.69
CA ARG F 73 2.82 -10.03 -12.44
C ARG F 73 3.92 -9.27 -13.19
N GLN F 74 3.54 -8.39 -14.12
CA GLN F 74 4.50 -7.52 -14.79
C GLN F 74 4.50 -6.10 -14.23
N GLY F 75 3.91 -5.91 -13.05
CA GLY F 75 3.80 -4.58 -12.48
C GLY F 75 2.92 -3.64 -13.27
N ARG F 76 1.85 -4.16 -13.86
CA ARG F 76 0.92 -3.39 -14.70
C ARG F 76 -0.51 -3.71 -14.30
N THR F 77 -0.81 -3.61 -13.01
CA THR F 77 -2.13 -3.98 -12.49
C THR F 77 -3.22 -3.19 -13.19
N LEU F 78 -4.31 -3.88 -13.52
CA LEU F 78 -5.42 -3.32 -14.29
C LEU F 78 -6.69 -3.33 -13.44
N TYR F 79 -7.39 -2.21 -13.41
CA TYR F 79 -8.65 -2.09 -12.69
C TYR F 79 -9.82 -2.10 -13.65
N GLY F 80 -10.92 -2.69 -13.22
CA GLY F 80 -12.14 -2.72 -13.99
C GLY F 80 -12.52 -4.06 -14.56
N PHE F 81 -11.85 -5.15 -14.17
CA PHE F 81 -12.17 -6.48 -14.64
C PHE F 81 -12.18 -7.51 -13.52
N GLY F 82 -12.30 -7.06 -12.27
CA GLY F 82 -12.30 -7.96 -11.14
C GLY F 82 -10.90 -8.24 -10.61
N ALA G 1 17.58 -49.21 13.65
CA ALA G 1 17.92 -50.33 12.77
C ALA G 1 16.76 -50.66 11.85
N ARG G 2 16.03 -49.62 11.42
CA ARG G 2 14.88 -49.79 10.53
C ARG G 2 15.35 -49.94 9.08
N ALA G 3 16.08 -48.95 8.58
CA ALA G 3 16.59 -48.97 7.23
C ALA G 3 17.77 -48.01 7.15
N LYS G 4 18.62 -48.25 6.15
CA LYS G 4 19.75 -47.36 5.92
C LYS G 4 19.25 -45.98 5.52
N ALA G 5 19.68 -44.96 6.26
CA ALA G 5 19.20 -43.60 6.03
C ALA G 5 19.71 -43.09 4.68
N LYS G 6 18.80 -43.00 3.71
CA LYS G 6 19.11 -42.45 2.39
C LYS G 6 18.25 -41.22 2.17
N THR G 7 18.91 -40.09 1.86
CA THR G 7 18.19 -38.84 1.67
C THR G 7 17.42 -38.86 0.34
N ARG G 8 16.34 -38.09 0.29
CA ARG G 8 15.57 -37.97 -0.94
C ARG G 8 16.41 -37.40 -2.07
N SER G 9 17.35 -36.51 -1.76
CA SER G 9 18.28 -36.02 -2.77
C SER G 9 19.13 -37.16 -3.32
N SER G 10 19.60 -38.06 -2.46
CA SER G 10 20.33 -39.23 -2.91
C SER G 10 19.45 -40.12 -3.77
N ARG G 11 18.17 -40.25 -3.41
CA ARG G 11 17.24 -41.02 -4.24
C ARG G 11 17.14 -40.41 -5.64
N ALA G 12 17.02 -39.09 -5.72
CA ALA G 12 16.94 -38.38 -6.99
C ALA G 12 18.30 -38.03 -7.56
N GLY G 13 19.39 -38.35 -6.85
CA GLY G 13 20.72 -37.98 -7.30
C GLY G 13 20.95 -36.48 -7.31
N LEU G 14 20.37 -35.77 -6.35
CA LEU G 14 20.52 -34.33 -6.23
C LEU G 14 21.58 -34.00 -5.18
N GLN G 15 21.81 -32.71 -4.99
CA GLN G 15 22.75 -32.21 -3.99
C GLN G 15 22.10 -31.36 -2.92
N PHE G 16 21.11 -30.53 -3.29
CA PHE G 16 20.47 -29.66 -2.32
C PHE G 16 19.59 -30.47 -1.37
N PRO G 17 19.42 -29.99 -0.13
CA PRO G 17 18.70 -30.76 0.89
C PRO G 17 17.18 -30.73 0.65
N VAL G 18 16.65 -31.85 0.19
CA VAL G 18 15.21 -31.96 -0.03
C VAL G 18 14.46 -31.80 1.28
N GLY G 19 14.97 -32.39 2.36
CA GLY G 19 14.32 -32.24 3.65
C GLY G 19 14.30 -30.80 4.13
N ARG G 20 15.40 -30.08 3.96
CA ARG G 20 15.44 -28.67 4.35
C ARG G 20 14.49 -27.85 3.50
N VAL G 21 14.42 -28.12 2.20
CA VAL G 21 13.48 -27.41 1.35
C VAL G 21 12.05 -27.67 1.79
N HIS G 22 11.73 -28.93 2.13
CA HIS G 22 10.39 -29.26 2.61
C HIS G 22 10.07 -28.54 3.90
N ARG G 23 11.03 -28.50 4.84
CA ARG G 23 10.81 -27.81 6.10
C ARG G 23 10.58 -26.31 5.88
N LEU G 24 11.38 -25.71 5.00
CA LEU G 24 11.20 -24.29 4.70
C LEU G 24 9.84 -24.03 4.06
N LEU G 25 9.39 -24.93 3.19
CA LEU G 25 8.09 -24.78 2.58
C LEU G 25 6.97 -24.83 3.62
N ARG G 26 6.99 -25.86 4.48
CA ARG G 26 5.91 -26.00 5.45
C ARG G 26 6.01 -25.00 6.60
N LYS G 27 7.15 -24.35 6.78
CA LYS G 27 7.30 -23.30 7.78
C LYS G 27 7.18 -21.90 7.19
N GLY G 28 6.97 -21.77 5.88
CA GLY G 28 6.91 -20.48 5.23
C GLY G 28 5.54 -19.89 5.06
N ASN G 29 4.50 -20.52 5.61
CA ASN G 29 3.12 -20.04 5.48
C ASN G 29 2.72 -19.87 4.03
N TYR G 30 3.16 -20.80 3.18
CA TYR G 30 2.84 -20.74 1.76
C TYR G 30 1.55 -21.47 1.42
N SER G 31 1.24 -22.55 2.12
CA SER G 31 0.00 -23.29 1.88
C SER G 31 -0.29 -24.16 3.10
N GLU G 32 -1.52 -24.68 3.15
CA GLU G 32 -1.91 -25.58 4.22
C GLU G 32 -1.08 -26.86 4.20
N ARG G 33 -0.96 -27.48 3.02
CA ARG G 33 -0.27 -28.75 2.88
C ARG G 33 0.66 -28.68 1.67
N VAL G 34 1.69 -29.53 1.69
CA VAL G 34 2.76 -29.52 0.70
C VAL G 34 2.82 -30.89 0.05
N GLY G 35 2.88 -30.92 -1.29
CA GLY G 35 2.99 -32.17 -2.00
C GLY G 35 4.35 -32.81 -1.83
N ALA G 36 4.41 -34.10 -2.20
CA ALA G 36 5.64 -34.86 -1.99
C ALA G 36 6.74 -34.44 -2.98
N GLY G 37 6.39 -34.29 -4.26
CA GLY G 37 7.38 -33.98 -5.26
C GLY G 37 7.76 -32.52 -5.38
N ALA G 38 7.04 -31.63 -4.70
CA ALA G 38 7.35 -30.21 -4.77
C ALA G 38 8.74 -29.88 -4.24
N PRO G 39 9.15 -30.33 -3.05
CA PRO G 39 10.54 -30.04 -2.63
C PRO G 39 11.58 -30.60 -3.56
N VAL G 40 11.35 -31.78 -4.14
CA VAL G 40 12.32 -32.37 -5.06
C VAL G 40 12.45 -31.51 -6.30
N TYR G 41 11.32 -31.11 -6.88
CA TYR G 41 11.35 -30.27 -8.07
C TYR G 41 12.03 -28.94 -7.78
N LEU G 42 11.71 -28.31 -6.65
CA LEU G 42 12.30 -27.03 -6.32
C LEU G 42 13.80 -27.15 -6.11
N ALA G 43 14.24 -28.21 -5.42
CA ALA G 43 15.67 -28.42 -5.22
C ALA G 43 16.38 -28.65 -6.55
N ALA G 44 15.76 -29.40 -7.46
CA ALA G 44 16.35 -29.61 -8.77
C ALA G 44 16.51 -28.30 -9.52
N VAL G 45 15.47 -27.45 -9.50
CA VAL G 45 15.54 -26.17 -10.19
C VAL G 45 16.63 -25.29 -9.60
N LEU G 46 16.70 -25.23 -8.27
CA LEU G 46 17.72 -24.42 -7.62
C LEU G 46 19.11 -24.93 -7.95
N GLU G 47 19.29 -26.25 -7.94
CA GLU G 47 20.58 -26.83 -8.27
C GLU G 47 20.99 -26.52 -9.69
N TYR G 48 20.05 -26.60 -10.64
CA TYR G 48 20.37 -26.27 -12.02
C TYR G 48 20.77 -24.80 -12.15
N LEU G 49 20.03 -23.90 -11.50
CA LEU G 49 20.36 -22.48 -11.61
C LEU G 49 21.74 -22.19 -11.02
N THR G 50 22.03 -22.77 -9.85
CA THR G 50 23.34 -22.57 -9.24
C THR G 50 24.45 -23.15 -10.10
N ALA G 51 24.21 -24.32 -10.70
CA ALA G 51 25.22 -24.91 -11.57
C ALA G 51 25.49 -24.02 -12.78
N GLU G 52 24.45 -23.48 -13.40
CA GLU G 52 24.64 -22.61 -14.54
C GLU G 52 25.43 -21.36 -14.15
N ILE G 53 25.05 -20.74 -13.02
CA ILE G 53 25.75 -19.53 -12.58
C ILE G 53 27.20 -19.83 -12.27
N LEU G 54 27.47 -20.93 -11.57
CA LEU G 54 28.84 -21.28 -11.22
C LEU G 54 29.66 -21.60 -12.47
N GLU G 55 29.07 -22.28 -13.45
CA GLU G 55 29.79 -22.56 -14.69
C GLU G 55 30.17 -21.27 -15.40
N LEU G 56 29.21 -20.34 -15.51
CA LEU G 56 29.52 -19.08 -16.17
C LEU G 56 30.59 -18.29 -15.40
N ALA G 57 30.48 -18.27 -14.07
CA ALA G 57 31.47 -17.56 -13.27
C ALA G 57 32.86 -18.19 -13.39
N GLY G 58 32.92 -19.51 -13.41
CA GLY G 58 34.21 -20.18 -13.56
C GLY G 58 34.83 -19.93 -14.92
N ASN G 59 34.01 -19.94 -15.97
CA ASN G 59 34.53 -19.61 -17.30
C ASN G 59 35.04 -18.18 -17.34
N ALA G 60 34.29 -17.25 -16.72
CA ALA G 60 34.75 -15.87 -16.69
C ALA G 60 36.05 -15.73 -15.91
N ALA G 61 36.18 -16.46 -14.81
CA ALA G 61 37.40 -16.39 -14.00
C ALA G 61 38.59 -16.97 -14.75
N ARG G 62 38.40 -18.10 -15.43
CA ARG G 62 39.48 -18.67 -16.22
C ARG G 62 39.85 -17.78 -17.39
N ASP G 63 38.90 -17.03 -17.95
CA ASP G 63 39.24 -16.01 -18.93
C ASP G 63 40.00 -14.85 -18.31
N ASN G 64 39.92 -14.69 -16.99
CA ASN G 64 40.66 -13.66 -16.27
C ASN G 64 41.95 -14.20 -15.67
N LYS G 65 42.30 -15.46 -15.97
CA LYS G 65 43.52 -16.09 -15.46
C LYS G 65 43.55 -16.10 -13.93
N LYS G 66 42.42 -16.50 -13.33
CA LYS G 66 42.29 -16.59 -11.89
C LYS G 66 41.70 -17.95 -11.51
N THR G 67 41.86 -18.31 -10.24
CA THR G 67 41.41 -19.60 -9.74
C THR G 67 40.33 -19.51 -8.68
N ARG G 68 40.04 -18.32 -8.16
CA ARG G 68 39.01 -18.12 -7.15
C ARG G 68 37.89 -17.28 -7.71
N ILE G 69 36.66 -17.68 -7.43
CA ILE G 69 35.49 -16.94 -7.89
C ILE G 69 35.25 -15.75 -6.97
N ILE G 70 35.03 -14.58 -7.55
CA ILE G 70 34.88 -13.34 -6.79
C ILE G 70 33.61 -12.65 -7.25
N PRO G 71 33.08 -11.71 -6.46
CA PRO G 71 31.88 -10.98 -6.90
C PRO G 71 32.05 -10.27 -8.23
N ARG G 72 33.26 -9.82 -8.58
CA ARG G 72 33.49 -9.27 -9.91
C ARG G 72 33.23 -10.31 -10.99
N HIS G 73 33.73 -11.54 -10.78
CA HIS G 73 33.47 -12.60 -11.74
C HIS G 73 31.98 -12.91 -11.82
N LEU G 74 31.29 -12.96 -10.68
CA LEU G 74 29.86 -13.21 -10.69
C LEU G 74 29.11 -12.14 -11.45
N GLN G 75 29.46 -10.87 -11.23
CA GLN G 75 28.81 -9.78 -11.94
C GLN G 75 29.06 -9.87 -13.44
N LEU G 76 30.30 -10.17 -13.84
CA LEU G 76 30.59 -10.32 -15.26
C LEU G 76 29.79 -11.45 -15.87
N ALA G 77 29.72 -12.59 -15.19
CA ALA G 77 28.97 -13.73 -15.71
C ALA G 77 27.48 -13.41 -15.84
N ILE G 78 26.92 -12.72 -14.85
CA ILE G 78 25.49 -12.42 -14.87
C ILE G 78 25.18 -11.40 -15.97
N ARG G 79 26.02 -10.36 -16.10
CA ARG G 79 25.75 -9.33 -17.08
C ARG G 79 26.00 -9.80 -18.51
N ASN G 80 26.93 -10.75 -18.70
CA ASN G 80 27.21 -11.23 -20.05
C ASN G 80 26.06 -12.08 -20.58
N ASP G 81 25.54 -13.00 -19.76
CA ASP G 81 24.47 -13.88 -20.21
C ASP G 81 23.15 -13.11 -20.29
N GLU G 82 22.49 -13.18 -21.44
CA GLU G 82 21.24 -12.45 -21.61
C GLU G 82 20.14 -13.00 -20.71
N GLU G 83 20.06 -14.33 -20.59
CA GLU G 83 19.01 -14.93 -19.78
C GLU G 83 19.15 -14.52 -18.31
N LEU G 84 20.35 -14.68 -17.74
CA LEU G 84 20.57 -14.30 -16.35
C LEU G 84 20.45 -12.80 -16.16
N ASN G 85 20.85 -12.02 -17.16
CA ASN G 85 20.71 -10.57 -17.08
C ASN G 85 19.25 -10.17 -16.98
N LYS G 86 18.39 -10.77 -17.80
CA LYS G 86 16.97 -10.48 -17.72
C LYS G 86 16.37 -11.00 -16.42
N LEU G 87 16.82 -12.16 -15.94
CA LEU G 87 16.31 -12.69 -14.68
C LEU G 87 16.66 -11.79 -13.51
N LEU G 88 17.86 -11.23 -13.50
CA LEU G 88 18.35 -10.42 -12.40
C LEU G 88 18.69 -9.00 -12.85
N GLY G 89 17.80 -8.39 -13.63
CA GLY G 89 18.01 -7.03 -14.07
C GLY G 89 17.85 -5.99 -12.98
N ARG G 90 17.13 -6.33 -11.91
CA ARG G 90 16.89 -5.43 -10.80
C ARG G 90 17.70 -5.79 -9.56
N VAL G 91 18.77 -6.56 -9.72
CA VAL G 91 19.54 -7.08 -8.60
C VAL G 91 20.91 -6.41 -8.59
N THR G 92 21.28 -5.89 -7.42
CA THR G 92 22.58 -5.26 -7.22
C THR G 92 23.49 -6.21 -6.46
N ILE G 93 24.72 -6.37 -6.92
CA ILE G 93 25.69 -7.26 -6.32
C ILE G 93 26.83 -6.42 -5.74
N ALA G 94 27.13 -6.63 -4.47
CA ALA G 94 28.21 -5.92 -3.82
C ALA G 94 29.56 -6.28 -4.45
N GLN G 95 30.40 -5.27 -4.63
CA GLN G 95 31.72 -5.44 -5.25
C GLN G 95 31.61 -6.08 -6.63
N GLY G 96 30.67 -5.61 -7.43
CA GLY G 96 30.46 -6.15 -8.76
C GLY G 96 30.97 -5.26 -9.87
N GLY G 97 30.99 -3.95 -9.63
CA GLY G 97 31.39 -3.02 -10.66
C GLY G 97 30.36 -2.96 -11.78
N VAL G 98 30.87 -2.65 -12.97
CA VAL G 98 30.05 -2.51 -14.16
C VAL G 98 30.67 -3.33 -15.29
N LEU G 99 29.84 -3.64 -16.27
CA LEU G 99 30.33 -4.33 -17.47
C LEU G 99 31.09 -3.33 -18.34
N PRO G 100 32.36 -3.58 -18.66
CA PRO G 100 33.16 -2.58 -19.38
C PRO G 100 32.68 -2.42 -20.81
N ASN G 101 32.22 -1.22 -21.15
CA ASN G 101 31.80 -0.90 -22.50
C ASN G 101 31.80 0.61 -22.66
N ILE G 102 32.23 1.08 -23.84
CA ILE G 102 32.29 2.49 -24.15
C ILE G 102 31.56 2.72 -25.48
N GLN G 103 30.69 3.72 -25.50
CA GLN G 103 29.95 4.03 -26.72
C GLN G 103 30.88 4.47 -27.83
N ALA G 104 30.56 4.07 -29.07
CA ALA G 104 31.43 4.34 -30.20
C ALA G 104 31.56 5.83 -30.47
N VAL G 105 30.57 6.63 -30.07
CA VAL G 105 30.62 8.06 -30.32
C VAL G 105 31.75 8.70 -29.52
N LEU G 106 31.98 8.23 -28.31
CA LEU G 106 33.03 8.80 -27.47
C LEU G 106 34.43 8.48 -27.98
N LEU G 107 34.59 7.37 -28.71
CA LEU G 107 35.90 7.01 -29.22
C LEU G 107 36.37 8.03 -30.26
N PRO G 108 37.67 8.34 -30.31
CA PRO G 108 38.21 9.31 -31.27
C PRO G 108 38.21 8.78 -32.70
N ARG H 1 23.64 -18.75 20.99
CA ARG H 1 24.15 -19.78 20.10
C ARG H 1 23.13 -20.14 19.04
N SER H 2 22.75 -19.16 18.22
CA SER H 2 21.80 -19.40 17.15
C SER H 2 22.47 -20.16 16.01
N ARG H 3 22.04 -21.40 15.81
CA ARG H 3 22.58 -22.26 14.75
C ARG H 3 21.95 -21.83 13.43
N LYS H 4 22.53 -20.81 12.81
CA LYS H 4 22.04 -20.29 11.54
C LYS H 4 22.30 -21.29 10.42
N GLU H 5 21.39 -21.33 9.46
CA GLU H 5 21.45 -22.28 8.36
C GLU H 5 21.59 -21.54 7.04
N SER H 6 22.37 -22.12 6.14
CA SER H 6 22.57 -21.57 4.81
C SER H 6 22.77 -22.73 3.84
N TYR H 7 23.22 -22.41 2.62
CA TYR H 7 23.45 -23.41 1.59
C TYR H 7 24.93 -23.52 1.22
N SER H 8 25.82 -23.14 2.13
CA SER H 8 27.24 -23.08 1.79
C SER H 8 27.78 -24.46 1.42
N VAL H 9 27.42 -25.48 2.18
CA VAL H 9 27.96 -26.83 1.94
C VAL H 9 27.50 -27.34 0.58
N TYR H 10 26.21 -27.21 0.29
CA TYR H 10 25.67 -27.73 -0.97
C TYR H 10 26.20 -26.92 -2.16
N VAL H 11 26.33 -25.60 -1.99
CA VAL H 11 26.91 -24.77 -3.04
C VAL H 11 28.35 -25.21 -3.31
N TYR H 12 29.11 -25.49 -2.25
CA TYR H 12 30.47 -25.95 -2.42
C TYR H 12 30.52 -27.30 -3.13
N LYS H 13 29.60 -28.20 -2.79
CA LYS H 13 29.54 -29.49 -3.46
C LYS H 13 29.26 -29.34 -4.95
N VAL H 14 28.30 -28.48 -5.29
CA VAL H 14 28.00 -28.25 -6.71
C VAL H 14 29.18 -27.62 -7.41
N LEU H 15 29.86 -26.68 -6.75
CA LEU H 15 31.04 -26.05 -7.33
C LEU H 15 32.13 -27.06 -7.60
N LYS H 16 32.36 -27.98 -6.67
CA LYS H 16 33.37 -29.01 -6.89
C LYS H 16 32.95 -29.98 -7.99
N GLN H 17 31.65 -30.27 -8.11
CA GLN H 17 31.21 -31.13 -9.20
C GLN H 17 31.38 -30.46 -10.55
N VAL H 18 31.21 -29.14 -10.62
CA VAL H 18 31.34 -28.43 -11.90
C VAL H 18 32.80 -28.21 -12.23
N HIS H 19 33.50 -27.45 -11.39
CA HIS H 19 34.94 -27.22 -11.53
C HIS H 19 35.67 -27.83 -10.34
N PRO H 20 36.28 -29.00 -10.50
CA PRO H 20 36.93 -29.66 -9.34
C PRO H 20 38.11 -28.88 -8.79
N ASP H 21 38.70 -27.96 -9.54
CA ASP H 21 39.93 -27.28 -9.16
C ASP H 21 39.74 -25.76 -9.18
N THR H 22 38.66 -25.29 -8.56
CA THR H 22 38.37 -23.86 -8.50
C THR H 22 37.94 -23.50 -7.09
N GLY H 23 38.48 -22.40 -6.57
CA GLY H 23 38.09 -21.91 -5.27
C GLY H 23 37.00 -20.86 -5.32
N ILE H 24 36.55 -20.44 -4.14
CA ILE H 24 35.48 -19.46 -4.02
C ILE H 24 35.74 -18.60 -2.79
N SER H 25 35.55 -17.29 -2.94
CA SER H 25 35.74 -16.37 -1.82
C SER H 25 34.59 -16.50 -0.83
N SER H 26 34.85 -16.07 0.40
CA SER H 26 33.83 -16.10 1.44
C SER H 26 32.65 -15.19 1.09
N LYS H 27 32.94 -13.98 0.60
CA LYS H 27 31.88 -13.05 0.21
C LYS H 27 31.07 -13.61 -0.95
N ALA H 28 31.72 -14.32 -1.88
CA ALA H 28 31.00 -14.94 -2.98
C ALA H 28 30.00 -15.97 -2.47
N MET H 29 30.36 -16.71 -1.43
CA MET H 29 29.43 -17.67 -0.84
C MET H 29 28.20 -16.98 -0.28
N GLY H 30 28.38 -15.83 0.37
CA GLY H 30 27.23 -15.08 0.85
C GLY H 30 26.33 -14.61 -0.28
N ILE H 31 26.94 -14.18 -1.40
CA ILE H 31 26.16 -13.78 -2.56
C ILE H 31 25.36 -14.96 -3.11
N MET H 32 25.99 -16.14 -3.17
CA MET H 32 25.28 -17.32 -3.63
C MET H 32 24.13 -17.67 -2.69
N ASN H 33 24.34 -17.57 -1.38
CA ASN H 33 23.27 -17.84 -0.43
C ASN H 33 22.11 -16.86 -0.62
N SER H 34 22.42 -15.57 -0.79
CA SER H 34 21.37 -14.58 -1.01
C SER H 34 20.61 -14.86 -2.30
N PHE H 35 21.33 -15.23 -3.36
CA PHE H 35 20.68 -15.56 -4.62
C PHE H 35 19.75 -16.76 -4.47
N VAL H 36 20.22 -17.80 -3.79
CA VAL H 36 19.39 -18.98 -3.60
C VAL H 36 18.14 -18.65 -2.80
N ASN H 37 18.30 -17.86 -1.73
CA ASN H 37 17.16 -17.46 -0.93
C ASN H 37 16.16 -16.65 -1.74
N ASP H 38 16.66 -15.72 -2.56
CA ASP H 38 15.77 -14.89 -3.38
C ASP H 38 14.99 -15.74 -4.37
N ILE H 39 15.67 -16.67 -5.05
CA ILE H 39 15.00 -17.50 -6.04
C ILE H 39 13.98 -18.41 -5.36
N PHE H 40 14.34 -18.96 -4.20
CA PHE H 40 13.41 -19.81 -3.46
C PHE H 40 12.17 -19.02 -3.05
N GLU H 41 12.35 -17.80 -2.56
CA GLU H 41 11.21 -16.97 -2.19
C GLU H 41 10.33 -16.68 -3.40
N ARG H 42 10.94 -16.33 -4.53
CA ARG H 42 10.17 -16.05 -5.74
C ARG H 42 9.32 -17.25 -6.14
N ILE H 43 9.96 -18.43 -6.22
CA ILE H 43 9.24 -19.62 -6.68
C ILE H 43 8.14 -20.00 -5.70
N ALA H 44 8.43 -19.94 -4.39
CA ALA H 44 7.43 -20.29 -3.40
C ALA H 44 6.24 -19.33 -3.44
N GLY H 45 6.51 -18.04 -3.57
CA GLY H 45 5.42 -17.07 -3.65
C GLY H 45 4.57 -17.28 -4.89
N GLU H 46 5.21 -17.54 -6.03
CA GLU H 46 4.45 -17.77 -7.25
C GLU H 46 3.60 -19.04 -7.14
N ALA H 47 4.15 -20.11 -6.56
CA ALA H 47 3.38 -21.34 -6.38
C ALA H 47 2.21 -21.11 -5.44
N SER H 48 2.41 -20.35 -4.36
CA SER H 48 1.32 -20.05 -3.44
C SER H 48 0.24 -19.24 -4.12
N ARG H 49 0.61 -18.26 -4.94
CA ARG H 49 -0.37 -17.49 -5.68
C ARG H 49 -1.15 -18.37 -6.65
N LEU H 50 -0.47 -19.29 -7.34
CA LEU H 50 -1.16 -20.18 -8.25
C LEU H 50 -2.15 -21.08 -7.50
N ALA H 51 -1.72 -21.61 -6.35
CA ALA H 51 -2.60 -22.46 -5.57
C ALA H 51 -3.83 -21.70 -5.09
N HIS H 52 -3.62 -20.46 -4.64
CA HIS H 52 -4.76 -19.64 -4.22
C HIS H 52 -5.69 -19.33 -5.39
N TYR H 53 -5.13 -19.00 -6.54
CA TYR H 53 -5.95 -18.68 -7.71
C TYR H 53 -6.80 -19.87 -8.13
N ASN H 54 -6.22 -21.06 -8.13
CA ASN H 54 -6.95 -22.27 -8.51
C ASN H 54 -7.80 -22.81 -7.36
N LYS H 55 -7.96 -22.04 -6.28
CA LYS H 55 -8.77 -22.44 -5.13
C LYS H 55 -8.35 -23.79 -4.56
N ARG H 56 -7.04 -24.06 -4.58
CA ARG H 56 -6.49 -25.29 -4.03
C ARG H 56 -5.96 -25.04 -2.63
N SER H 57 -5.41 -26.09 -2.03
CA SER H 57 -4.75 -25.94 -0.74
C SER H 57 -3.43 -26.72 -0.68
N THR H 58 -3.05 -27.39 -1.74
CA THR H 58 -1.83 -28.19 -1.77
C THR H 58 -0.90 -27.65 -2.84
N ILE H 59 0.35 -27.39 -2.47
CA ILE H 59 1.38 -27.01 -3.42
C ILE H 59 2.09 -28.28 -3.88
N THR H 60 1.93 -28.62 -5.15
CA THR H 60 2.54 -29.81 -5.72
C THR H 60 3.57 -29.39 -6.76
N SER H 61 4.24 -30.41 -7.34
CA SER H 61 5.22 -30.15 -8.39
C SER H 61 4.59 -29.50 -9.62
N ARG H 62 3.31 -29.75 -9.87
CA ARG H 62 2.66 -29.15 -11.03
C ARG H 62 2.60 -27.63 -10.90
N GLU H 63 2.32 -27.13 -9.70
CA GLU H 63 2.34 -25.69 -9.48
C GLU H 63 3.75 -25.12 -9.64
N ILE H 64 4.75 -25.85 -9.17
CA ILE H 64 6.13 -25.39 -9.29
C ILE H 64 6.56 -25.31 -10.74
N GLN H 65 6.08 -26.25 -11.57
CA GLN H 65 6.38 -26.18 -13.00
C GLN H 65 5.89 -24.87 -13.60
N THR H 66 4.64 -24.50 -13.29
CA THR H 66 4.09 -23.26 -13.82
C THR H 66 4.80 -22.05 -13.26
N ALA H 67 5.20 -22.10 -11.98
CA ALA H 67 5.95 -21.00 -11.39
C ALA H 67 7.29 -20.82 -12.10
N VAL H 68 7.99 -21.92 -12.38
CA VAL H 68 9.26 -21.85 -13.09
C VAL H 68 9.05 -21.29 -14.50
N ARG H 69 7.99 -21.75 -15.19
CA ARG H 69 7.72 -21.24 -16.52
C ARG H 69 7.42 -19.74 -16.48
N LEU H 70 6.75 -19.29 -15.42
CA LEU H 70 6.45 -17.87 -15.28
C LEU H 70 7.71 -17.05 -15.01
N LEU H 71 8.60 -17.58 -14.18
CA LEU H 71 9.76 -16.81 -13.74
C LEU H 71 10.92 -16.87 -14.73
N LEU H 72 11.45 -18.06 -14.97
CA LEU H 72 12.63 -18.17 -15.80
C LEU H 72 12.29 -17.94 -17.27
N PRO H 73 13.12 -17.20 -18.01
CA PRO H 73 12.82 -16.94 -19.43
C PRO H 73 13.42 -17.96 -20.39
N GLY H 74 12.57 -18.48 -21.28
CA GLY H 74 13.07 -19.17 -22.47
C GLY H 74 13.87 -20.42 -22.18
N GLU H 75 15.04 -20.51 -22.82
CA GLU H 75 15.86 -21.72 -22.78
C GLU H 75 16.20 -22.12 -21.35
N LEU H 76 16.46 -21.13 -20.49
CA LEU H 76 16.73 -21.43 -19.09
C LEU H 76 15.52 -22.10 -18.43
N ALA H 77 14.32 -21.60 -18.71
CA ALA H 77 13.11 -22.21 -18.16
C ALA H 77 12.92 -23.62 -18.70
N LYS H 78 13.18 -23.83 -19.99
CA LYS H 78 13.03 -25.15 -20.57
C LYS H 78 13.99 -26.15 -19.93
N HIS H 79 15.25 -25.76 -19.78
CA HIS H 79 16.22 -26.64 -19.13
C HIS H 79 15.84 -26.91 -17.68
N ALA H 80 15.38 -25.90 -16.96
CA ALA H 80 14.98 -26.09 -15.57
C ALA H 80 13.81 -27.05 -15.47
N VAL H 81 12.83 -26.91 -16.36
CA VAL H 81 11.67 -27.81 -16.34
C VAL H 81 12.11 -29.23 -16.65
N SER H 82 12.99 -29.40 -17.64
CA SER H 82 13.48 -30.74 -17.96
C SER H 82 14.20 -31.36 -16.77
N GLU H 83 15.07 -30.59 -16.13
CA GLU H 83 15.82 -31.11 -14.99
C GLU H 83 14.89 -31.49 -13.84
N GLY H 84 13.91 -30.63 -13.55
CA GLY H 84 12.98 -30.93 -12.48
C GLY H 84 12.13 -32.15 -12.76
N THR H 85 11.66 -32.29 -14.01
CA THR H 85 10.88 -33.46 -14.37
C THR H 85 11.71 -34.73 -14.24
N LYS H 86 12.97 -34.69 -14.69
CA LYS H 86 13.83 -35.85 -14.55
C LYS H 86 14.04 -36.21 -13.09
N ALA H 87 14.30 -35.20 -12.25
CA ALA H 87 14.53 -35.46 -10.83
C ALA H 87 13.29 -36.04 -10.17
N VAL H 88 12.11 -35.50 -10.49
CA VAL H 88 10.87 -36.00 -9.90
C VAL H 88 10.60 -37.42 -10.35
N THR H 89 10.86 -37.71 -11.63
CA THR H 89 10.67 -39.07 -12.14
C THR H 89 11.58 -40.04 -11.41
N LYS H 90 12.85 -39.68 -11.24
CA LYS H 90 13.78 -40.56 -10.54
C LYS H 90 13.37 -40.74 -9.08
N TYR H 91 12.93 -39.67 -8.42
CA TYR H 91 12.50 -39.78 -7.03
C TYR H 91 11.29 -40.68 -6.89
N THR H 92 10.31 -40.53 -7.79
CA THR H 92 9.13 -41.40 -7.76
C THR H 92 9.48 -42.84 -8.05
N SER H 93 10.41 -43.10 -8.98
CA SER H 93 10.86 -44.46 -9.23
C SER H 93 11.53 -45.05 -7.99
N ALA H 94 12.33 -44.24 -7.30
CA ALA H 94 12.98 -44.69 -6.08
C ALA H 94 11.98 -44.83 -4.95
N ALA K 2 -12.32 25.47 28.30
CA ALA K 2 -13.65 25.04 27.85
C ALA K 2 -14.70 25.30 28.91
N LEU K 3 -14.25 25.78 30.08
CA LEU K 3 -15.15 26.11 31.18
C LEU K 3 -16.10 27.23 30.77
N LYS K 4 -15.57 28.22 30.04
CA LYS K 4 -16.40 29.32 29.59
C LYS K 4 -17.54 28.83 28.70
N ARG K 5 -17.24 27.86 27.83
CA ARG K 5 -18.29 27.28 26.99
C ARG K 5 -19.34 26.57 27.85
N ILE K 6 -18.90 25.88 28.90
CA ILE K 6 -19.85 25.26 29.82
C ILE K 6 -20.70 26.33 30.50
N ASN K 7 -20.07 27.41 30.95
CA ASN K 7 -20.81 28.49 31.60
C ASN K 7 -21.70 29.23 30.62
N LYS K 8 -21.18 29.49 29.40
CA LYS K 8 -21.99 30.18 28.39
C LYS K 8 -23.25 29.38 28.05
N GLU K 9 -23.10 28.07 27.86
CA GLU K 9 -24.28 27.22 27.66
C GLU K 9 -25.17 27.24 28.89
N LEU K 10 -24.56 27.18 30.09
CA LEU K 10 -25.35 27.27 31.32
C LEU K 10 -26.04 28.62 31.43
N SER K 11 -25.35 29.70 31.08
CA SER K 11 -25.99 31.02 31.09
C SER K 11 -27.11 31.10 30.07
N ASP K 12 -26.88 30.55 28.87
CA ASP K 12 -27.95 30.49 27.88
C ASP K 12 -29.09 29.59 28.34
N LEU K 13 -28.75 28.47 28.98
CA LEU K 13 -29.78 27.59 29.53
C LEU K 13 -30.56 28.29 30.63
N ALA K 14 -29.88 29.11 31.44
CA ALA K 14 -30.58 29.94 32.41
C ALA K 14 -31.47 30.95 31.71
N ARG K 15 -30.99 31.54 30.62
CA ARG K 15 -31.79 32.50 29.86
C ARG K 15 -32.99 31.81 29.20
N ASP K 16 -32.80 30.58 28.71
CA ASP K 16 -33.85 29.83 28.03
C ASP K 16 -34.07 28.52 28.77
N PRO K 17 -35.02 28.48 29.71
CA PRO K 17 -35.30 27.25 30.44
C PRO K 17 -35.71 26.13 29.49
N PRO K 18 -35.29 24.89 29.77
CA PRO K 18 -35.60 23.79 28.85
C PRO K 18 -37.00 23.22 29.05
N ALA K 19 -38.02 24.07 28.98
CA ALA K 19 -39.42 23.65 29.06
C ALA K 19 -39.71 22.80 30.29
N GLN K 20 -40.48 21.73 30.12
CA GLN K 20 -40.80 20.84 31.23
C GLN K 20 -39.53 20.23 31.83
N SER K 21 -38.54 19.96 30.99
CA SER K 21 -37.28 19.42 31.47
C SER K 21 -36.47 20.51 32.18
N SER K 22 -35.45 20.06 32.91
CA SER K 22 -34.55 20.98 33.60
C SER K 22 -33.22 20.27 33.82
N ALA K 23 -32.16 21.05 33.99
CA ALA K 23 -30.83 20.50 34.18
C ALA K 23 -29.98 21.54 34.92
N GLY K 24 -28.73 21.20 35.20
CA GLY K 24 -27.82 22.09 35.88
C GLY K 24 -27.09 21.41 37.01
N PRO K 25 -26.05 22.07 37.55
CA PRO K 25 -25.27 21.53 38.67
C PRO K 25 -26.04 21.58 39.99
N MET K 30 -17.83 22.06 37.91
CA MET K 30 -19.12 22.15 37.22
C MET K 30 -19.30 20.98 36.26
N PHE K 31 -18.49 19.94 36.44
CA PHE K 31 -18.57 18.78 35.56
C PHE K 31 -19.78 17.91 35.88
N HIS K 32 -20.24 17.90 37.12
CA HIS K 32 -21.36 17.09 37.56
C HIS K 32 -22.62 17.94 37.61
N TRP K 33 -23.60 17.60 36.79
CA TRP K 33 -24.87 18.32 36.74
C TRP K 33 -26.01 17.33 36.97
N GLN K 34 -27.09 17.85 37.54
CA GLN K 34 -28.30 17.07 37.80
C GLN K 34 -29.40 17.56 36.86
N ALA K 35 -29.99 16.62 36.11
CA ALA K 35 -31.02 16.93 35.14
C ALA K 35 -32.34 16.30 35.59
N THR K 36 -33.39 17.10 35.66
CA THR K 36 -34.72 16.65 36.06
C THR K 36 -35.70 16.99 34.95
N ILE K 37 -36.41 15.97 34.46
CA ILE K 37 -37.33 16.15 33.35
C ILE K 37 -38.71 15.64 33.77
N MET K 38 -39.74 16.15 33.09
CA MET K 38 -41.12 15.77 33.36
C MET K 38 -41.65 14.90 32.23
N GLY K 39 -42.71 14.14 32.54
CA GLY K 39 -43.32 13.26 31.57
C GLY K 39 -43.90 14.00 30.39
N PRO K 40 -43.52 13.59 29.18
CA PRO K 40 -44.06 14.22 27.98
C PRO K 40 -45.58 14.03 27.87
N ASN K 41 -46.23 15.00 27.27
CA ASN K 41 -47.69 14.97 27.15
C ASN K 41 -48.14 13.81 26.28
N ASP K 42 -49.32 13.26 26.63
CA ASP K 42 -49.93 12.16 25.89
C ASP K 42 -49.01 10.95 25.80
N SER K 43 -48.33 10.65 26.91
CA SER K 43 -47.42 9.53 26.99
C SER K 43 -47.72 8.69 28.22
N PRO K 44 -47.35 7.42 28.21
CA PRO K 44 -47.47 6.62 29.44
C PRO K 44 -46.67 7.18 30.60
N TYR K 45 -45.56 7.87 30.31
CA TYR K 45 -44.73 8.48 31.35
C TYR K 45 -45.21 9.86 31.76
N GLN K 46 -46.31 10.34 31.18
CA GLN K 46 -46.79 11.68 31.48
C GLN K 46 -47.12 11.83 32.96
N GLY K 47 -46.76 12.97 33.53
CA GLY K 47 -46.99 13.23 34.93
C GLY K 47 -45.79 12.93 35.80
N GLY K 48 -45.10 11.83 35.48
CA GLY K 48 -43.92 11.46 36.23
C GLY K 48 -42.74 12.37 35.96
N VAL K 49 -41.91 12.55 36.99
CA VAL K 49 -40.72 13.38 36.92
C VAL K 49 -39.51 12.46 36.93
N PHE K 50 -38.62 12.61 35.96
CA PHE K 50 -37.45 11.76 35.81
C PHE K 50 -36.18 12.57 36.01
N PHE K 51 -35.26 12.02 36.81
CA PHE K 51 -33.99 12.66 37.11
C PHE K 51 -32.89 11.99 36.30
N LEU K 52 -31.92 12.78 35.83
CA LEU K 52 -30.80 12.30 35.04
C LEU K 52 -29.50 12.84 35.60
N THR K 53 -28.41 12.11 35.30
CA THR K 53 -27.07 12.48 35.73
C THR K 53 -26.28 13.01 34.53
N ILE K 54 -25.35 13.91 34.81
CA ILE K 54 -24.50 14.52 33.79
C ILE K 54 -23.07 14.55 34.29
N HIS K 55 -22.15 14.00 33.50
CA HIS K 55 -20.72 14.09 33.76
C HIS K 55 -20.08 14.77 32.56
N PHE K 56 -19.34 15.85 32.81
CA PHE K 56 -18.70 16.60 31.74
C PHE K 56 -17.24 16.18 31.60
N PRO K 57 -16.86 15.49 30.52
CA PRO K 57 -15.43 15.25 30.28
C PRO K 57 -14.72 16.52 29.85
N THR K 58 -13.41 16.51 29.97
CA THR K 58 -12.62 17.68 29.59
C THR K 58 -12.38 17.72 28.10
N ASP K 59 -13.45 17.53 27.31
CA ASP K 59 -13.38 17.69 25.87
C ASP K 59 -14.63 18.35 25.31
N TYR K 60 -15.54 18.80 26.17
CA TYR K 60 -16.75 19.48 25.70
C TYR K 60 -16.36 20.76 24.97
N PRO K 61 -17.07 21.12 23.88
CA PRO K 61 -18.20 20.41 23.29
C PRO K 61 -17.82 19.41 22.20
N PHE K 62 -16.55 19.02 22.15
CA PHE K 62 -16.08 18.08 21.15
C PHE K 62 -16.33 16.63 21.55
N LYS K 63 -16.71 16.38 22.80
CA LYS K 63 -17.06 15.04 23.27
C LYS K 63 -18.36 15.13 24.04
N PRO K 64 -19.28 14.18 23.81
CA PRO K 64 -20.56 14.24 24.51
C PRO K 64 -20.38 14.00 26.00
N PRO K 65 -21.19 14.64 26.83
CA PRO K 65 -21.13 14.37 28.26
C PRO K 65 -21.64 12.98 28.60
N LYS K 66 -21.14 12.44 29.71
CA LYS K 66 -21.59 11.16 30.22
C LYS K 66 -22.94 11.39 30.89
N VAL K 67 -24.02 11.04 30.20
CA VAL K 67 -25.38 11.32 30.64
C VAL K 67 -26.15 10.01 30.69
N ALA K 68 -26.86 9.78 31.80
CA ALA K 68 -27.66 8.57 31.96
C ALA K 68 -28.89 8.93 32.79
N PHE K 69 -29.83 8.00 32.83
CA PHE K 69 -31.05 8.16 33.62
C PHE K 69 -30.79 7.69 35.05
N THR K 70 -31.44 8.36 36.00
CA THR K 70 -31.36 7.96 37.40
C THR K 70 -32.70 7.56 37.98
N THR K 71 -33.78 7.64 37.20
CA THR K 71 -35.11 7.25 37.62
C THR K 71 -35.49 5.97 36.92
N ARG K 72 -35.97 4.99 37.69
CA ARG K 72 -36.39 3.72 37.12
C ARG K 72 -37.55 3.94 36.16
N ILE K 73 -37.45 3.34 34.97
CA ILE K 73 -38.42 3.57 33.89
C ILE K 73 -38.61 2.27 33.13
N TYR K 74 -39.69 2.21 32.37
CA TYR K 74 -39.98 1.07 31.49
C TYR K 74 -39.88 1.57 30.05
N HIS K 75 -38.66 1.55 29.51
CA HIS K 75 -38.41 2.01 28.15
C HIS K 75 -37.40 1.08 27.50
N PRO K 76 -37.65 0.66 26.26
CA PRO K 76 -36.70 -0.27 25.61
C PRO K 76 -35.31 0.31 25.45
N ASN K 77 -35.20 1.62 25.23
CA ASN K 77 -33.91 2.25 24.95
C ASN K 77 -33.17 2.69 26.21
N ILE K 78 -33.66 2.40 27.41
CA ILE K 78 -32.99 2.75 28.66
C ILE K 78 -32.84 1.49 29.49
N ASN K 79 -31.62 1.23 29.96
CA ASN K 79 -31.34 0.03 30.74
C ASN K 79 -31.74 0.24 32.19
N SER K 80 -31.47 -0.77 33.02
CA SER K 80 -31.78 -0.67 34.45
C SER K 80 -30.89 0.36 35.15
N ASN K 81 -29.66 0.54 34.68
CA ASN K 81 -28.76 1.53 35.28
C ASN K 81 -28.98 2.94 34.74
N GLY K 82 -29.90 3.10 33.78
CA GLY K 82 -30.21 4.41 33.24
C GLY K 82 -29.40 4.85 32.03
N SER K 83 -28.55 3.97 31.49
CA SER K 83 -27.77 4.33 30.31
C SER K 83 -28.69 4.63 29.14
N ILE K 84 -28.19 5.43 28.21
CA ILE K 84 -28.99 5.96 27.10
C ILE K 84 -28.40 5.46 25.79
N CYS K 85 -29.26 4.93 24.92
CA CYS K 85 -28.86 4.50 23.58
C CYS K 85 -29.33 5.55 22.59
N LEU K 86 -28.51 6.58 22.37
CA LEU K 86 -28.86 7.68 21.49
C LEU K 86 -27.68 8.03 20.61
N ASP K 87 -27.96 8.32 19.33
CA ASP K 87 -26.90 8.61 18.37
C ASP K 87 -26.13 9.86 18.76
N ILE K 88 -26.83 10.92 19.17
CA ILE K 88 -26.15 12.17 19.51
C ILE K 88 -25.27 12.02 20.73
N LEU K 89 -25.44 10.95 21.49
CA LEU K 89 -24.58 10.68 22.63
C LEU K 89 -23.43 9.74 22.29
N ARG K 90 -23.56 8.94 21.24
CA ARG K 90 -22.52 7.99 20.85
C ARG K 90 -21.92 8.33 19.49
N SER K 91 -22.74 8.62 18.49
CA SER K 91 -22.26 8.85 17.13
C SER K 91 -22.56 10.24 16.60
N GLN K 92 -23.79 10.72 16.77
CA GLN K 92 -24.20 11.99 16.18
C GLN K 92 -23.87 13.20 17.04
N TRP K 93 -22.90 13.07 17.96
CA TRP K 93 -22.51 14.20 18.78
C TRP K 93 -21.87 15.29 17.92
N SER K 94 -22.20 16.54 18.22
CA SER K 94 -21.69 17.68 17.50
C SER K 94 -21.59 18.86 18.45
N PRO K 95 -20.54 19.69 18.33
CA PRO K 95 -20.44 20.87 19.20
C PRO K 95 -21.40 22.00 18.83
N ALA K 96 -22.30 21.78 17.87
CA ALA K 96 -23.21 22.81 17.39
C ALA K 96 -24.64 22.63 17.90
N LEU K 97 -24.81 21.85 18.97
CA LEU K 97 -26.13 21.62 19.54
C LEU K 97 -26.09 21.87 21.04
N THR K 98 -27.24 22.28 21.58
CA THR K 98 -27.38 22.56 23.00
C THR K 98 -27.91 21.34 23.73
N ILE K 99 -27.75 21.36 25.05
CA ILE K 99 -28.27 20.28 25.89
C ILE K 99 -29.79 20.24 25.84
N SER K 100 -30.43 21.38 25.57
CA SER K 100 -31.89 21.40 25.46
C SER K 100 -32.37 20.55 24.29
N LYS K 101 -31.65 20.58 23.17
CA LYS K 101 -31.97 19.70 22.06
C LYS K 101 -31.83 18.24 22.47
N VAL K 102 -30.81 17.92 23.28
CA VAL K 102 -30.64 16.56 23.77
C VAL K 102 -31.84 16.17 24.63
N LEU K 103 -32.30 17.07 25.50
CA LEU K 103 -33.46 16.77 26.33
C LEU K 103 -34.71 16.56 25.48
N LEU K 104 -34.90 17.38 24.45
CA LEU K 104 -36.05 17.20 23.56
C LEU K 104 -35.98 15.86 22.84
N SER K 105 -34.80 15.47 22.38
CA SER K 105 -34.64 14.16 21.75
C SER K 105 -34.92 13.03 22.74
N ILE K 106 -34.50 13.21 23.99
CA ILE K 106 -34.78 12.20 25.02
C ILE K 106 -36.28 12.07 25.23
N SER K 107 -36.98 13.20 25.30
CA SER K 107 -38.43 13.16 25.44
C SER K 107 -39.10 12.50 24.25
N SER K 108 -38.62 12.79 23.04
CA SER K 108 -39.17 12.15 21.85
C SER K 108 -38.95 10.64 21.89
N LEU K 109 -37.75 10.21 22.30
CA LEU K 109 -37.46 8.78 22.41
C LEU K 109 -38.34 8.12 23.48
N LEU K 110 -38.62 8.83 24.57
CA LEU K 110 -39.56 8.32 25.55
C LEU K 110 -40.94 8.15 24.93
N SER K 111 -41.38 9.13 24.15
CA SER K 111 -42.64 9.00 23.44
C SER K 111 -42.58 7.99 22.31
N ASP K 112 -41.42 7.88 21.64
CA ASP K 112 -41.25 7.00 20.49
C ASP K 112 -40.03 6.12 20.71
N PRO K 113 -40.20 5.01 21.44
CA PRO K 113 -39.08 4.07 21.62
C PRO K 113 -38.66 3.43 20.30
N ASN K 114 -37.39 3.04 20.25
CA ASN K 114 -36.82 2.41 19.06
C ASN K 114 -36.55 0.94 19.35
N PRO K 115 -37.33 0.00 18.81
CA PRO K 115 -37.08 -1.42 19.08
C PRO K 115 -35.96 -2.03 18.25
N ASP K 116 -35.51 -1.36 17.17
CA ASP K 116 -34.47 -1.92 16.33
C ASP K 116 -33.15 -2.06 17.08
N ASP K 117 -32.77 -1.03 17.84
CA ASP K 117 -31.53 -1.01 18.61
C ASP K 117 -31.84 -0.60 20.04
N PRO K 118 -32.44 -1.48 20.83
CA PRO K 118 -32.83 -1.13 22.19
C PRO K 118 -31.72 -1.47 23.18
N LEU K 119 -31.99 -1.16 24.46
CA LEU K 119 -31.15 -1.60 25.56
C LEU K 119 -31.73 -2.76 26.34
N VAL K 120 -33.05 -2.90 26.35
CA VAL K 120 -33.70 -4.05 26.99
C VAL K 120 -34.47 -4.81 25.92
N PRO K 121 -33.95 -5.95 25.43
CA PRO K 121 -34.64 -6.65 24.34
C PRO K 121 -36.05 -7.10 24.69
N GLU K 122 -36.31 -7.47 25.95
CA GLU K 122 -37.65 -7.90 26.34
C GLU K 122 -38.64 -6.74 26.25
N ILE K 123 -38.25 -5.56 26.75
CA ILE K 123 -39.13 -4.40 26.66
C ILE K 123 -39.34 -3.99 25.22
N ALA K 124 -38.30 -4.12 24.39
CA ALA K 124 -38.45 -3.84 22.97
C ALA K 124 -39.43 -4.80 22.31
N ARG K 125 -39.36 -6.08 22.66
CA ARG K 125 -40.31 -7.06 22.12
C ARG K 125 -41.73 -6.73 22.56
N ILE K 126 -41.90 -6.33 23.83
CA ILE K 126 -43.21 -5.94 24.31
C ILE K 126 -43.73 -4.73 23.55
N TYR K 127 -42.87 -3.73 23.33
CA TYR K 127 -43.27 -2.53 22.60
C TYR K 127 -43.65 -2.84 21.16
N LYS K 128 -42.89 -3.71 20.50
CA LYS K 128 -43.16 -4.01 19.10
C LYS K 128 -44.40 -4.89 18.95
N THR K 129 -44.59 -5.84 19.85
CA THR K 129 -45.70 -6.78 19.74
C THR K 129 -47.00 -6.23 20.29
N ASP K 130 -47.01 -5.82 21.56
CA ASP K 130 -48.23 -5.35 22.22
C ASP K 130 -47.97 -3.92 22.70
N ARG K 131 -48.39 -2.94 21.90
CA ARG K 131 -48.19 -1.54 22.25
C ARG K 131 -48.97 -1.19 23.51
N ASP K 132 -50.18 -1.72 23.66
CA ASP K 132 -50.97 -1.45 24.85
C ASP K 132 -50.28 -1.97 26.11
N LYS K 133 -49.69 -3.17 26.03
CA LYS K 133 -48.97 -3.71 27.17
C LYS K 133 -47.78 -2.81 27.53
N TYR K 134 -47.05 -2.34 26.52
CA TYR K 134 -45.95 -1.42 26.78
C TYR K 134 -46.45 -0.15 27.47
N ASN K 135 -47.55 0.43 26.97
CA ASN K 135 -48.09 1.64 27.58
C ASN K 135 -48.50 1.39 29.03
N ARG K 136 -49.18 0.27 29.29
CA ARG K 136 -49.62 -0.04 30.64
C ARG K 136 -48.44 -0.19 31.59
N ILE K 137 -47.44 -0.99 31.21
CA ILE K 137 -46.31 -1.23 32.10
C ILE K 137 -45.50 0.05 32.29
N SER K 138 -45.35 0.85 31.23
CA SER K 138 -44.65 2.12 31.35
C SER K 138 -45.36 3.07 32.31
N ARG K 139 -46.69 3.14 32.22
CA ARG K 139 -47.44 3.98 33.13
C ARG K 139 -47.33 3.48 34.56
N GLU K 140 -47.36 2.16 34.74
CA GLU K 140 -47.23 1.58 36.08
C GLU K 140 -45.87 1.92 36.69
N TRP K 141 -44.81 1.79 35.90
CA TRP K 141 -43.48 2.08 36.42
C TRP K 141 -43.28 3.58 36.63
N THR K 142 -43.91 4.42 35.81
CA THR K 142 -43.87 5.86 36.04
C THR K 142 -44.55 6.22 37.36
N GLN K 143 -45.69 5.58 37.63
CA GLN K 143 -46.37 5.83 38.90
C GLN K 143 -45.56 5.31 40.08
N LYS K 144 -44.92 4.15 39.91
CA LYS K 144 -44.20 3.55 41.03
C LYS K 144 -42.91 4.30 41.35
N TYR K 145 -42.16 4.70 40.32
CA TYR K 145 -40.85 5.30 40.52
C TYR K 145 -40.82 6.79 40.23
N ALA K 146 -41.26 7.20 39.04
CA ALA K 146 -41.25 8.62 38.69
C ALA K 146 -42.27 9.42 39.48
N MET K 147 -43.32 8.78 39.99
CA MET K 147 -44.32 9.46 40.80
C MET K 147 -44.19 9.04 42.27
N GLU L 13 -17.66 40.06 16.37
CA GLU L 13 -17.23 39.05 15.40
C GLU L 13 -15.74 38.77 15.54
N CYS L 14 -15.10 39.45 16.50
CA CYS L 14 -13.67 39.26 16.73
C CYS L 14 -13.37 38.00 17.54
N GLN L 15 -14.40 37.31 18.02
CA GLN L 15 -14.20 36.10 18.80
C GLN L 15 -14.42 34.86 17.94
N CYS L 16 -13.82 33.75 18.38
CA CYS L 16 -13.98 32.48 17.68
C CYS L 16 -15.40 31.98 17.81
N GLY L 17 -15.83 31.22 16.80
CA GLY L 17 -17.18 30.68 16.79
C GLY L 17 -17.41 29.53 17.75
N ILE L 18 -16.34 28.95 18.30
CA ILE L 18 -16.49 27.81 19.21
C ILE L 18 -16.03 28.21 20.61
N CYS L 19 -14.75 28.58 20.74
CA CYS L 19 -14.18 28.90 22.04
C CYS L 19 -14.74 30.17 22.64
N MET L 20 -15.29 31.07 21.82
CA MET L 20 -15.80 32.37 22.27
C MET L 20 -14.70 33.25 22.84
N GLU L 21 -13.45 32.86 22.62
CA GLU L 21 -12.31 33.67 23.03
C GLU L 21 -11.81 34.51 21.86
N ILE L 22 -10.79 35.32 22.14
CA ILE L 22 -10.23 36.20 21.12
C ILE L 22 -9.66 35.37 19.97
N LEU L 23 -9.97 35.79 18.73
CA LEU L 23 -9.42 35.13 17.56
C LEU L 23 -7.92 35.37 17.47
N VAL L 24 -7.14 34.34 17.78
CA VAL L 24 -5.68 34.40 17.69
C VAL L 24 -5.29 33.59 16.46
N GLU L 25 -4.66 34.26 15.49
CA GLU L 25 -4.32 33.67 14.21
C GLU L 25 -5.56 33.03 13.57
N PRO L 26 -6.52 33.84 13.12
CA PRO L 26 -7.76 33.28 12.58
C PRO L 26 -7.52 32.41 11.35
N VAL L 27 -8.29 31.34 11.25
CA VAL L 27 -8.20 30.40 10.14
C VAL L 27 -9.53 30.44 9.39
N THR L 28 -9.45 30.68 8.08
CA THR L 28 -10.65 30.79 7.25
C THR L 28 -11.00 29.41 6.68
N LEU L 29 -12.16 28.90 7.07
CA LEU L 29 -12.65 27.65 6.52
C LEU L 29 -13.16 27.87 5.09
N PRO L 30 -13.11 26.84 4.24
CA PRO L 30 -13.60 27.01 2.87
C PRO L 30 -15.07 27.37 2.79
N CYS L 31 -15.85 27.04 3.82
CA CYS L 31 -17.27 27.36 3.88
C CYS L 31 -17.55 28.71 4.57
N ASN L 32 -16.61 29.65 4.50
CA ASN L 32 -16.75 31.01 5.02
C ASN L 32 -16.86 31.07 6.54
N HIS L 33 -16.45 30.01 7.24
CA HIS L 33 -16.50 30.02 8.70
C HIS L 33 -15.17 30.50 9.27
N THR L 34 -15.25 31.26 10.36
CA THR L 34 -14.09 31.84 11.01
C THR L 34 -13.93 31.23 12.39
N LEU L 35 -12.74 30.70 12.67
CA LEU L 35 -12.44 30.13 13.98
C LEU L 35 -10.95 30.31 14.27
N CYS L 36 -10.62 30.40 15.55
CA CYS L 36 -9.26 30.73 15.95
C CYS L 36 -8.33 29.55 15.73
N LYS L 37 -7.02 29.85 15.75
CA LYS L 37 -6.02 28.81 15.52
C LYS L 37 -6.07 27.68 16.54
N PRO L 38 -6.18 27.92 17.86
CA PRO L 38 -6.35 26.79 18.78
C PRO L 38 -7.56 25.93 18.46
N CYS L 39 -8.73 26.55 18.32
CA CYS L 39 -9.95 25.80 18.02
C CYS L 39 -9.85 25.09 16.67
N PHE L 40 -9.28 25.77 15.66
CA PHE L 40 -9.15 25.15 14.35
C PHE L 40 -8.23 23.94 14.39
N GLN L 41 -7.04 24.11 14.96
CA GLN L 41 -6.08 23.00 15.00
C GLN L 41 -6.49 21.92 15.99
N SER L 42 -7.48 22.18 16.85
CA SER L 42 -8.07 21.12 17.66
C SER L 42 -9.15 20.37 16.87
N THR L 43 -10.05 21.10 16.23
CA THR L 43 -11.14 20.48 15.48
C THR L 43 -10.67 19.80 14.19
N VAL L 44 -9.44 20.07 13.75
CA VAL L 44 -8.92 19.38 12.57
C VAL L 44 -8.89 17.88 12.81
N GLU L 45 -8.38 17.45 13.96
CA GLU L 45 -8.32 16.05 14.31
C GLU L 45 -9.19 15.69 15.51
N LYS L 46 -10.12 16.56 15.92
CA LYS L 46 -10.87 16.32 17.15
C LYS L 46 -11.92 15.22 16.95
N ALA L 47 -12.98 15.51 16.21
CA ALA L 47 -14.16 14.64 16.22
C ALA L 47 -14.41 13.96 14.88
N SER L 48 -14.60 14.72 13.79
CA SER L 48 -15.08 14.07 12.57
C SER L 48 -14.41 14.54 11.28
N LEU L 49 -13.40 15.40 11.35
CA LEU L 49 -12.78 16.01 10.17
C LEU L 49 -13.76 16.84 9.36
N CYS L 50 -14.95 17.11 9.90
CA CYS L 50 -15.97 17.87 9.20
C CYS L 50 -16.17 19.23 9.87
N CYS L 51 -16.90 20.10 9.18
CA CYS L 51 -17.20 21.43 9.71
C CYS L 51 -18.36 21.34 10.69
N PRO L 52 -18.20 21.78 11.93
CA PRO L 52 -19.34 21.77 12.86
C PRO L 52 -20.47 22.68 12.44
N PHE L 53 -20.20 23.71 11.64
CA PHE L 53 -21.23 24.69 11.30
C PHE L 53 -22.18 24.15 10.23
N CYS L 54 -21.66 23.75 9.08
CA CYS L 54 -22.51 23.35 7.95
C CYS L 54 -22.08 22.01 7.36
N ARG L 55 -21.38 21.19 8.14
CA ARG L 55 -20.96 19.84 7.76
C ARG L 55 -20.06 19.84 6.53
N ARG L 56 -19.32 20.91 6.30
CA ARG L 56 -18.43 20.97 5.13
C ARG L 56 -17.14 20.18 5.35
N ARG L 57 -16.89 19.18 4.50
CA ARG L 57 -15.68 18.38 4.62
C ARG L 57 -14.45 19.22 4.30
N VAL L 58 -13.41 19.09 5.13
CA VAL L 58 -12.25 19.95 5.06
C VAL L 58 -10.95 19.17 4.97
N SER L 59 -10.99 17.84 4.95
CA SER L 59 -9.76 17.04 4.96
C SER L 59 -8.88 17.37 3.75
N SER L 60 -9.49 17.41 2.55
CA SER L 60 -8.73 17.79 1.36
C SER L 60 -8.26 19.24 1.45
N TRP L 61 -9.11 20.13 1.93
CA TRP L 61 -8.70 21.52 2.11
C TRP L 61 -7.58 21.64 3.12
N THR L 62 -7.68 20.89 4.22
CA THR L 62 -6.62 20.91 5.24
C THR L 62 -5.30 20.42 4.65
N ARG L 63 -5.34 19.33 3.89
CA ARG L 63 -4.12 18.81 3.27
C ARG L 63 -3.54 19.81 2.27
N TYR L 64 -4.41 20.46 1.49
CA TYR L 64 -3.94 21.43 0.50
C TYR L 64 -3.29 22.63 1.16
N HIS L 65 -3.90 23.14 2.24
CA HIS L 65 -3.41 24.36 2.87
C HIS L 65 -2.34 24.10 3.92
N THR L 66 -2.07 22.84 4.26
CA THR L 66 -0.96 22.56 5.15
C THR L 66 0.37 22.81 4.46
N ARG L 67 0.48 22.46 3.19
CA ARG L 67 1.69 22.68 2.42
C ARG L 67 1.68 24.05 1.74
N MET M 1 -8.64 -1.46 53.54
CA MET M 1 -7.93 -2.35 52.64
C MET M 1 -7.60 -1.64 51.33
N GLN M 2 -6.93 -2.37 50.43
CA GLN M 2 -6.59 -1.86 49.10
C GLN M 2 -7.34 -2.68 48.05
N ILE M 3 -7.62 -2.04 46.92
CA ILE M 3 -8.31 -2.68 45.81
C ILE M 3 -7.66 -2.25 44.51
N PHE M 4 -7.49 -3.18 43.58
CA PHE M 4 -6.93 -2.90 42.27
C PHE M 4 -7.94 -3.27 41.19
N VAL M 5 -7.97 -2.47 40.13
CA VAL M 5 -8.91 -2.64 39.03
C VAL M 5 -8.12 -2.97 37.77
N LYS M 6 -8.48 -4.08 37.11
CA LYS M 6 -7.81 -4.49 35.89
C LYS M 6 -8.82 -4.61 34.75
N THR M 12 -8.88 2.01 36.17
CA THR M 12 -8.18 1.58 37.37
C THR M 12 -8.05 2.73 38.37
N ILE M 13 -8.78 2.62 39.48
CA ILE M 13 -8.74 3.61 40.55
C ILE M 13 -8.42 2.89 41.86
N THR M 14 -7.30 3.27 42.47
CA THR M 14 -6.87 2.70 43.74
C THR M 14 -6.64 3.84 44.73
N LEU M 15 -7.15 3.67 45.95
CA LEU M 15 -7.89 2.47 46.36
C LEU M 15 -9.37 2.78 46.54
N GLU M 16 -10.12 1.83 47.07
CA GLU M 16 -11.56 1.97 47.20
C GLU M 16 -12.00 1.44 48.57
N VAL M 17 -13.31 1.26 48.72
CA VAL M 17 -13.94 0.99 50.02
C VAL M 17 -13.52 -0.35 50.59
N GLU M 18 -13.81 -0.55 51.88
CA GLU M 18 -13.53 -1.77 52.62
C GLU M 18 -14.47 -2.88 52.17
N PRO M 19 -14.17 -4.16 52.47
CA PRO M 19 -15.06 -5.24 52.04
C PRO M 19 -16.39 -5.26 52.79
N SER M 20 -17.15 -4.18 52.70
CA SER M 20 -18.44 -4.09 53.34
C SER M 20 -19.54 -3.49 52.47
N ASP M 21 -19.21 -2.99 51.28
CA ASP M 21 -20.18 -2.32 50.42
C ASP M 21 -20.54 -3.22 49.24
N THR M 22 -21.73 -2.99 48.69
CA THR M 22 -22.18 -3.73 47.53
C THR M 22 -21.40 -3.30 46.29
N ILE M 23 -21.50 -4.11 45.23
CA ILE M 23 -20.82 -3.78 43.98
C ILE M 23 -21.45 -2.55 43.34
N GLU M 24 -22.75 -2.31 43.59
CA GLU M 24 -23.40 -1.14 43.03
C GLU M 24 -22.77 0.15 43.53
N ASN M 25 -22.49 0.22 44.83
CA ASN M 25 -21.87 1.42 45.39
C ASN M 25 -20.48 1.66 44.81
N VAL M 26 -19.69 0.59 44.66
CA VAL M 26 -18.35 0.74 44.11
C VAL M 26 -18.42 1.16 42.64
N LYS M 27 -19.38 0.61 41.90
CA LYS M 27 -19.56 1.00 40.51
C LYS M 27 -19.96 2.47 40.41
N ALA M 28 -20.86 2.93 41.28
CA ALA M 28 -21.25 4.33 41.28
C ALA M 28 -20.06 5.24 41.62
N LYS M 29 -19.24 4.83 42.60
CA LYS M 29 -18.06 5.60 42.94
C LYS M 29 -17.08 5.68 41.78
N ILE M 30 -16.86 4.56 41.09
CA ILE M 30 -15.97 4.55 39.94
C ILE M 30 -16.52 5.45 38.83
N GLN M 31 -17.83 5.39 38.60
CA GLN M 31 -18.44 6.26 37.59
C GLN M 31 -18.27 7.73 37.93
N ASP M 32 -18.47 8.08 39.21
CA ASP M 32 -18.31 9.48 39.61
C ASP M 32 -16.87 9.93 39.50
N LYS M 33 -15.91 9.07 39.86
CA LYS M 33 -14.51 9.46 39.88
C LYS M 33 -13.86 9.44 38.50
N GLU M 34 -14.38 8.66 37.56
CA GLU M 34 -13.72 8.53 36.27
C GLU M 34 -14.61 8.85 35.09
N GLY M 35 -15.92 8.58 35.18
CA GLY M 35 -16.83 8.80 34.09
C GLY M 35 -17.24 7.55 33.34
N ILE M 36 -16.53 6.44 33.53
CA ILE M 36 -16.93 5.17 32.91
C ILE M 36 -18.26 4.73 33.50
N PRO M 37 -19.23 4.30 32.68
CA PRO M 37 -20.55 3.95 33.21
C PRO M 37 -20.46 2.77 34.17
N PRO M 38 -21.33 2.73 35.19
CA PRO M 38 -21.32 1.58 36.10
C PRO M 38 -21.56 0.26 35.41
N ASP M 39 -22.42 0.24 34.38
CA ASP M 39 -22.69 -0.99 33.65
C ASP M 39 -21.54 -1.38 32.73
N GLN M 40 -20.55 -0.51 32.56
CA GLN M 40 -19.39 -0.79 31.73
C GLN M 40 -18.22 -1.23 32.62
N GLN M 41 -17.86 -2.51 32.54
CA GLN M 41 -18.53 -3.46 31.67
C GLN M 41 -19.18 -4.57 32.48
N ARG M 42 -18.47 -5.04 33.50
CA ARG M 42 -18.95 -6.10 34.38
C ARG M 42 -18.00 -6.17 35.56
N LEU M 43 -18.20 -7.18 36.41
CA LEU M 43 -17.31 -7.48 37.53
C LEU M 43 -16.72 -8.86 37.32
N ILE M 44 -15.39 -8.92 37.21
CA ILE M 44 -14.69 -10.17 36.92
C ILE M 44 -13.62 -10.37 37.98
N PHE M 45 -13.52 -11.59 38.48
CA PHE M 45 -12.51 -11.96 39.45
C PHE M 45 -12.34 -13.47 39.52
N ASP M 52 -23.73 -6.94 41.28
CA ASP M 52 -24.47 -5.81 41.81
C ASP M 52 -25.07 -6.11 43.18
N GLY M 53 -25.89 -7.17 43.25
CA GLY M 53 -26.48 -7.57 44.51
C GLY M 53 -25.48 -8.07 45.53
N ARG M 54 -24.46 -8.80 45.09
CA ARG M 54 -23.44 -9.28 46.00
C ARG M 54 -22.56 -8.12 46.48
N THR M 55 -21.92 -8.34 47.63
CA THR M 55 -21.03 -7.36 48.23
C THR M 55 -19.58 -7.83 48.09
N LEU M 56 -18.65 -6.98 48.54
CA LEU M 56 -17.24 -7.36 48.53
C LEU M 56 -16.95 -8.44 49.56
N SER M 57 -17.71 -8.45 50.66
CA SER M 57 -17.55 -9.53 51.64
C SER M 57 -18.18 -10.82 51.16
N ASP M 58 -19.24 -10.74 50.36
CA ASP M 58 -19.86 -11.95 49.83
C ASP M 58 -18.90 -12.71 48.91
N TYR M 59 -18.12 -11.98 48.12
CA TYR M 59 -17.12 -12.59 47.25
C TYR M 59 -15.79 -12.84 47.95
N ASN M 60 -15.69 -12.48 49.24
CA ASN M 60 -14.47 -12.66 50.02
C ASN M 60 -13.28 -11.94 49.38
N ILE M 61 -13.41 -10.63 49.29
CA ILE M 61 -12.37 -9.79 48.69
C ILE M 61 -11.50 -9.24 49.81
N GLN M 62 -10.21 -9.60 49.79
CA GLN M 62 -9.28 -9.18 50.82
C GLN M 62 -8.53 -7.92 50.36
N LYS M 63 -7.56 -7.51 51.18
CA LYS M 63 -6.78 -6.32 50.88
C LYS M 63 -5.90 -6.53 49.66
N GLU M 64 -5.75 -5.46 48.87
CA GLU M 64 -4.91 -5.46 47.68
C GLU M 64 -5.32 -6.53 46.67
N SER M 65 -6.60 -6.88 46.66
CA SER M 65 -7.10 -7.88 45.72
C SER M 65 -7.13 -7.32 44.31
N THR M 66 -6.97 -8.21 43.33
CA THR M 66 -6.97 -7.83 41.92
C THR M 66 -8.37 -8.09 41.34
N LEU M 67 -9.10 -7.03 41.07
CA LEU M 67 -10.42 -7.12 40.46
C LEU M 67 -10.37 -6.60 39.02
N HIS M 68 -11.38 -6.97 38.24
CA HIS M 68 -11.43 -6.65 36.82
C HIS M 68 -12.78 -6.07 36.47
N LEU M 69 -12.79 -4.89 35.85
CA LEU M 69 -14.03 -4.24 35.45
C LEU M 69 -14.46 -4.69 34.06
N LEU M 73 -20.41 -5.09 29.12
CA LEU M 73 -21.41 -4.09 28.76
C LEU M 73 -21.90 -4.28 27.32
N ARG M 74 -23.01 -3.63 26.98
CA ARG M 74 -23.56 -3.72 25.63
C ARG M 74 -23.88 -2.33 25.11
N GLY M 75 -22.94 -1.39 25.27
CA GLY M 75 -23.14 -0.04 24.80
C GLY M 75 -23.31 0.06 23.30
N CYS M 76 -24.11 1.01 22.85
CA CYS M 76 -24.38 1.17 21.42
C CYS M 76 -24.88 2.58 21.11
ZN ZN N . -19.20 25.19 7.33
ZN ZN O . -11.69 29.25 19.19
#